data_8ZAA
#
_entry.id   8ZAA
#
_cell.length_a   1.00
_cell.length_b   1.00
_cell.length_c   1.00
_cell.angle_alpha   90.00
_cell.angle_beta   90.00
_cell.angle_gamma   90.00
#
_symmetry.space_group_name_H-M   'P 1'
#
loop_
_entity.id
_entity.type
_entity.pdbx_description
1 polymer 'Butyrophilin subfamily 3 member A1'
2 polymer 'Butyrophilin subfamily 2 member A1'
3 non-polymer '4-HYDROXY-3-METHYL BUTYL DIPHOSPHATE'
#
loop_
_entity_poly.entity_id
_entity_poly.type
_entity_poly.pdbx_seq_one_letter_code
_entity_poly.pdbx_strand_id
1 'polypeptide(L)'
;EQELREMAWSTMKQEQSTRVKLLEELRWRSIQYASRGERHSAYNEWKKALFKPADVILDPKTANPILLVSEDQRSVQRAK
EPQDLPDNPERFNWHYCVLGCESFISGRHYWEVEVGDRKEWHIGVCSKNVQRKGWVKMTPENGFWTMGLTDGNKYRTLTE
PRTNLKLPKTPKKVGVFLDYETGDISFYNAVDGSHIHTFLDVSFSEALYPVFRILTLEPTALTICPA
;
C,D
2 'polypeptide(L)'
;WINKLQKEKKILSGEKEFERETREIALKELEKERVQKEEELQVKEKLQEELRWRRTFLHAVDVVLDPDTAHPDLFLSEDR
RSVRRCPFRHLGESVPDNPERFDSQPCVLGRESFASGKHYWEVEVENVIEWTVGVCRDSVERKGEVLLIPQNGFWTLEMH
KGQYRAVSSPDRILPLKESLCRVGVFLDYEAGDVSFYNMRDRSHIYTCPRSAFSVPVRPFFRLGCEDSPIFICPALTGAN
GVTVPEEGLTLHRVGTHQSL
;
G,E
#
# COMPACT_ATOMS: atom_id res chain seq x y z
N GLU A 1 46.52 44.26 -6.68
CA GLU A 1 45.38 43.47 -6.24
C GLU A 1 44.92 42.50 -7.32
N GLN A 2 45.27 41.23 -7.14
CA GLN A 2 44.88 40.19 -8.08
C GLN A 2 43.57 39.52 -7.74
N GLU A 3 42.93 39.93 -6.64
CA GLU A 3 41.67 39.31 -6.23
C GLU A 3 40.58 39.53 -7.28
N LEU A 4 40.53 40.72 -7.86
CA LEU A 4 39.57 40.98 -8.94
C LEU A 4 39.83 40.06 -10.12
N ARG A 5 41.11 39.88 -10.50
CA ARG A 5 41.44 38.90 -11.52
C ARG A 5 41.28 37.49 -11.02
N GLU A 6 41.45 37.27 -9.71
CA GLU A 6 41.27 35.93 -9.15
C GLU A 6 39.83 35.46 -9.28
N MET A 7 38.86 36.36 -9.14
CA MET A 7 37.46 35.95 -9.30
C MET A 7 37.20 35.45 -10.72
N ALA A 8 37.73 36.16 -11.72
CA ALA A 8 37.60 35.70 -13.10
C ALA A 8 38.34 34.38 -13.32
N TRP A 9 39.52 34.25 -12.74
CA TRP A 9 40.30 33.03 -12.91
C TRP A 9 39.58 31.84 -12.29
N SER A 10 38.85 32.08 -11.20
CA SER A 10 38.07 31.01 -10.57
C SER A 10 36.82 30.68 -11.37
N THR A 11 36.11 31.71 -11.85
CA THR A 11 34.87 31.43 -12.57
C THR A 11 35.17 30.76 -13.90
N MET A 12 36.34 31.04 -14.49
CA MET A 12 36.67 30.36 -15.74
C MET A 12 36.84 28.86 -15.52
N LYS A 13 37.54 28.45 -14.45
CA LYS A 13 37.66 27.01 -14.21
C LYS A 13 36.31 26.40 -13.86
N GLN A 14 35.50 27.09 -13.04
CA GLN A 14 34.24 26.46 -12.66
C GLN A 14 33.31 26.35 -13.85
N GLU A 15 33.38 27.30 -14.79
CA GLU A 15 32.55 27.23 -15.99
C GLU A 15 33.06 26.16 -16.95
N GLN A 16 34.38 25.99 -17.05
CA GLN A 16 34.90 24.93 -17.90
C GLN A 16 34.56 23.56 -17.34
N SER A 17 34.55 23.41 -16.01
CA SER A 17 34.19 22.14 -15.42
C SER A 17 32.68 21.91 -15.38
N THR A 18 31.87 22.96 -15.45
CA THR A 18 30.43 22.79 -15.42
C THR A 18 29.92 22.14 -16.70
N ARG A 19 30.16 22.77 -17.84
CA ARG A 19 29.49 22.36 -19.07
C ARG A 19 29.92 20.98 -19.54
N VAL A 20 31.17 20.58 -19.30
CA VAL A 20 31.61 19.27 -19.76
C VAL A 20 30.83 18.16 -19.06
N LYS A 21 30.74 18.23 -17.74
CA LYS A 21 29.96 17.24 -17.00
C LYS A 21 28.48 17.36 -17.30
N LEU A 22 27.98 18.58 -17.49
CA LEU A 22 26.58 18.74 -17.86
C LEU A 22 26.28 18.07 -19.19
N LEU A 23 27.17 18.21 -20.16
CA LEU A 23 26.95 17.62 -21.48
C LEU A 23 27.05 16.10 -21.43
N GLU A 24 28.03 15.58 -20.68
CA GLU A 24 28.13 14.13 -20.55
C GLU A 24 26.89 13.54 -19.86
N GLU A 25 26.43 14.20 -18.80
CA GLU A 25 25.23 13.74 -18.10
C GLU A 25 24.02 13.83 -19.00
N LEU A 26 23.93 14.89 -19.83
CA LEU A 26 22.82 15.02 -20.75
C LEU A 26 22.83 13.93 -21.81
N ARG A 27 24.02 13.56 -22.29
CA ARG A 27 24.10 12.47 -23.27
C ARG A 27 23.71 11.14 -22.65
N TRP A 28 24.11 10.90 -21.40
CA TRP A 28 23.65 9.70 -20.72
C TRP A 28 22.14 9.72 -20.47
N ARG A 29 21.58 10.89 -20.17
CA ARG A 29 20.12 11.02 -20.11
C ARG A 29 19.49 10.67 -21.44
N SER A 30 20.11 11.10 -22.54
CA SER A 30 19.63 10.73 -23.87
C SER A 30 19.60 9.23 -24.05
N ILE A 31 20.72 8.56 -23.75
CA ILE A 31 20.77 7.12 -23.96
C ILE A 31 19.81 6.41 -23.01
N GLN A 32 19.48 7.04 -21.88
CA GLN A 32 18.52 6.42 -20.97
C GLN A 32 17.08 6.69 -21.39
N TYR A 33 16.76 7.93 -21.77
CA TYR A 33 15.42 8.26 -22.21
C TYR A 33 15.07 7.62 -23.55
N ALA A 34 15.92 6.75 -24.10
CA ALA A 34 15.62 6.10 -25.36
C ALA A 34 14.35 5.27 -25.26
N SER A 35 14.15 4.60 -24.14
CA SER A 35 12.93 3.86 -23.89
C SER A 35 11.77 4.84 -23.66
N ARG A 36 10.58 4.29 -23.44
CA ARG A 36 9.36 5.04 -23.11
C ARG A 36 9.14 6.22 -24.08
N GLY A 37 8.97 5.88 -25.35
CA GLY A 37 8.95 6.88 -26.42
C GLY A 37 7.60 7.01 -27.10
N GLU A 38 7.21 8.25 -27.36
CA GLU A 38 6.01 8.59 -28.13
C GLU A 38 6.11 10.06 -28.52
N ARG A 39 5.32 10.44 -29.53
CA ARG A 39 5.44 11.78 -30.09
C ARG A 39 4.10 12.41 -30.45
N HIS A 40 3.00 11.99 -29.80
CA HIS A 40 1.67 12.39 -30.25
C HIS A 40 1.50 13.90 -30.28
N SER A 41 1.95 14.58 -29.22
CA SER A 41 1.87 16.03 -29.14
C SER A 41 3.23 16.68 -28.91
N ALA A 42 4.31 15.91 -29.01
CA ALA A 42 5.63 16.41 -28.64
C ALA A 42 6.08 17.55 -29.55
N TYR A 43 5.84 17.41 -30.87
CA TYR A 43 6.42 18.35 -31.83
C TYR A 43 5.93 19.77 -31.57
N ASN A 44 4.62 19.97 -31.49
CA ASN A 44 4.10 21.28 -31.18
C ASN A 44 4.28 21.66 -29.72
N GLU A 45 4.74 20.71 -28.89
CA GLU A 45 4.93 21.00 -27.48
C GLU A 45 6.27 21.69 -27.23
N TRP A 46 7.35 21.17 -27.81
CA TRP A 46 8.67 21.72 -27.50
C TRP A 46 9.39 22.38 -28.67
N LYS A 47 8.92 22.22 -29.91
CA LYS A 47 9.57 22.92 -31.01
C LYS A 47 9.35 24.43 -30.90
N LYS A 48 8.31 24.85 -30.20
CA LYS A 48 8.07 26.27 -29.99
C LYS A 48 8.68 26.77 -28.69
N ALA A 49 9.24 25.87 -27.88
CA ALA A 49 9.67 26.25 -26.53
C ALA A 49 11.18 26.15 -26.34
N LEU A 50 11.75 24.98 -26.64
CA LEU A 50 13.14 24.70 -26.30
C LEU A 50 14.12 25.09 -27.40
N PHE A 51 13.65 25.55 -28.56
CA PHE A 51 14.51 25.64 -29.74
C PHE A 51 14.59 27.01 -30.37
N LYS A 52 14.03 28.06 -29.75
CA LYS A 52 14.24 29.45 -30.18
C LYS A 52 13.98 29.63 -31.67
N PRO A 53 12.71 29.60 -32.10
CA PRO A 53 12.36 29.81 -33.51
C PRO A 53 13.24 30.78 -34.28
N ALA A 54 13.76 30.34 -35.42
CA ALA A 54 14.68 31.13 -36.23
C ALA A 54 14.21 31.14 -37.67
N ASP A 55 14.25 32.30 -38.30
CA ASP A 55 13.86 32.46 -39.69
C ASP A 55 15.10 32.45 -40.57
N VAL A 56 15.02 31.77 -41.71
CA VAL A 56 16.11 31.66 -42.66
C VAL A 56 15.66 32.30 -43.96
N ILE A 57 16.41 33.29 -44.42
CA ILE A 57 16.16 33.94 -45.70
C ILE A 57 17.23 33.51 -46.69
N LEU A 58 16.79 33.17 -47.90
CA LEU A 58 17.70 32.68 -48.92
C LEU A 58 18.56 33.81 -49.46
N ASP A 59 19.84 33.51 -49.69
CA ASP A 59 20.81 34.50 -50.13
C ASP A 59 21.09 34.30 -51.62
N PRO A 60 20.68 35.21 -52.49
CA PRO A 60 20.95 35.04 -53.92
C PRO A 60 22.43 35.06 -54.26
N LYS A 61 23.26 35.64 -53.38
CA LYS A 61 24.64 35.93 -53.74
C LYS A 61 25.49 34.68 -53.78
N THR A 62 25.05 33.60 -53.14
CA THR A 62 25.75 32.33 -53.16
C THR A 62 25.11 31.29 -54.07
N ALA A 63 23.92 31.56 -54.59
CA ALA A 63 23.22 30.59 -55.41
C ALA A 63 23.96 30.34 -56.73
N ASN A 64 23.80 29.13 -57.24
CA ASN A 64 24.34 28.80 -58.56
C ASN A 64 23.62 29.60 -59.63
N PRO A 65 24.27 29.83 -60.77
CA PRO A 65 23.57 30.51 -61.88
C PRO A 65 22.33 29.77 -62.35
N ILE A 66 22.26 28.46 -62.16
CA ILE A 66 21.11 27.69 -62.59
C ILE A 66 19.91 27.89 -61.66
N LEU A 67 20.14 28.29 -60.41
CA LEU A 67 19.06 28.43 -59.44
C LEU A 67 18.51 29.85 -59.48
N LEU A 68 17.18 29.96 -59.51
CA LEU A 68 16.51 31.25 -59.48
C LEU A 68 15.90 31.46 -58.09
N VAL A 69 16.49 32.35 -57.32
CA VAL A 69 15.95 32.71 -56.02
C VAL A 69 14.75 33.61 -56.25
N SER A 70 13.60 33.23 -55.70
CA SER A 70 12.37 33.96 -55.97
C SER A 70 12.43 35.36 -55.37
N GLU A 71 11.52 36.22 -55.84
CA GLU A 71 11.54 37.62 -55.45
C GLU A 71 11.32 37.79 -53.95
N ASP A 72 10.56 36.88 -53.35
CA ASP A 72 10.31 36.95 -51.92
C ASP A 72 11.50 36.53 -51.06
N GLN A 73 12.61 36.16 -51.67
CA GLN A 73 13.87 35.83 -51.00
C GLN A 73 13.76 34.63 -50.08
N ARG A 74 12.66 33.90 -50.11
CA ARG A 74 12.48 32.71 -49.29
C ARG A 74 12.39 31.42 -50.07
N SER A 75 11.94 31.48 -51.32
CA SER A 75 11.78 30.29 -52.16
C SER A 75 12.90 30.21 -53.18
N VAL A 76 13.14 29.00 -53.67
CA VAL A 76 14.15 28.75 -54.69
C VAL A 76 13.52 27.89 -55.78
N GLN A 77 13.77 28.25 -57.03
CA GLN A 77 13.27 27.52 -58.19
C GLN A 77 14.42 27.08 -59.07
N ARG A 78 14.15 26.10 -59.92
CA ARG A 78 15.13 25.56 -60.85
C ARG A 78 14.82 26.10 -62.24
N ALA A 79 15.81 26.73 -62.88
CA ALA A 79 15.65 27.34 -64.18
C ALA A 79 16.24 26.42 -65.26
N LYS A 80 16.31 26.94 -66.49
CA LYS A 80 16.78 26.13 -67.62
C LYS A 80 18.28 26.28 -67.85
N GLU A 81 18.74 27.51 -68.07
CA GLU A 81 20.13 27.72 -68.45
C GLU A 81 20.79 28.72 -67.50
N PRO A 82 22.11 28.63 -67.31
CA PRO A 82 22.79 29.54 -66.38
C PRO A 82 22.91 30.94 -66.95
N GLN A 83 22.26 31.90 -66.30
CA GLN A 83 22.42 33.29 -66.68
C GLN A 83 23.75 33.83 -66.16
N ASP A 84 24.36 34.70 -66.96
CA ASP A 84 25.68 35.21 -66.63
C ASP A 84 25.59 36.21 -65.49
N LEU A 85 26.51 36.11 -64.54
CA LEU A 85 26.59 37.01 -63.40
C LEU A 85 27.89 36.73 -62.65
N PRO A 86 28.43 37.72 -61.93
CA PRO A 86 29.83 37.64 -61.50
C PRO A 86 30.08 36.47 -60.56
N ASP A 87 31.32 35.98 -60.61
CA ASP A 87 31.75 34.79 -59.88
C ASP A 87 32.53 35.22 -58.64
N ASN A 88 31.81 35.50 -57.58
CA ASN A 88 32.44 35.79 -56.30
C ASN A 88 32.85 34.50 -55.60
N PRO A 89 33.81 34.56 -54.69
CA PRO A 89 34.19 33.35 -53.94
C PRO A 89 33.05 32.76 -53.15
N GLU A 90 32.07 33.57 -52.73
CA GLU A 90 30.88 33.03 -52.09
C GLU A 90 30.07 32.16 -53.05
N ARG A 91 29.96 32.57 -54.30
CA ARG A 91 29.07 31.93 -55.26
C ARG A 91 29.56 30.53 -55.62
N PHE A 92 28.62 29.58 -55.67
CA PHE A 92 28.90 28.25 -56.16
C PHE A 92 29.02 28.24 -57.67
N ASN A 93 29.78 27.28 -58.19
CA ASN A 93 29.93 27.11 -59.63
C ASN A 93 29.57 25.73 -60.13
N TRP A 94 29.71 24.68 -59.32
CA TRP A 94 29.34 23.33 -59.73
C TRP A 94 28.15 22.81 -58.94
N HIS A 95 28.24 22.78 -57.62
CA HIS A 95 27.15 22.27 -56.81
C HIS A 95 25.96 23.22 -56.87
N TYR A 96 24.76 22.64 -56.85
CA TYR A 96 23.53 23.39 -57.06
C TYR A 96 22.93 23.86 -55.73
N CYS A 97 23.75 24.49 -54.88
CA CYS A 97 23.35 24.77 -53.51
C CYS A 97 23.25 26.26 -53.24
N VAL A 98 22.32 26.61 -52.36
CA VAL A 98 22.08 27.99 -51.94
C VAL A 98 21.98 28.00 -50.42
N LEU A 99 22.46 29.08 -49.81
CA LEU A 99 22.53 29.20 -48.36
C LEU A 99 21.69 30.39 -47.89
N GLY A 100 21.79 30.68 -46.60
CA GLY A 100 21.14 31.83 -46.01
C GLY A 100 22.12 32.93 -45.66
N CYS A 101 21.63 34.16 -45.49
CA CYS A 101 22.52 35.28 -45.23
C CYS A 101 23.09 35.27 -43.82
N GLU A 102 22.53 34.48 -42.92
CA GLU A 102 22.90 34.49 -41.51
C GLU A 102 23.40 33.13 -41.07
N SER A 103 24.48 33.12 -40.29
CA SER A 103 25.04 31.91 -39.73
C SER A 103 24.80 31.86 -38.23
N PHE A 104 24.43 30.70 -37.73
CA PHE A 104 24.12 30.51 -36.31
C PHE A 104 25.39 30.09 -35.60
N ILE A 105 26.03 31.04 -34.92
CA ILE A 105 27.30 30.77 -34.27
C ILE A 105 27.14 29.81 -33.10
N SER A 106 26.05 29.87 -32.36
CA SER A 106 25.85 29.01 -31.20
C SER A 106 24.36 28.97 -30.88
N GLY A 107 24.02 28.11 -29.92
CA GLY A 107 22.67 28.02 -29.42
C GLY A 107 21.87 26.92 -30.07
N ARG A 108 20.55 27.02 -29.91
CA ARG A 108 19.60 26.06 -30.47
C ARG A 108 18.60 26.82 -31.33
N HIS A 109 18.49 26.43 -32.59
CA HIS A 109 17.60 27.09 -33.53
C HIS A 109 16.91 26.05 -34.40
N TYR A 110 15.88 26.48 -35.13
CA TYR A 110 15.16 25.56 -35.99
C TYR A 110 14.51 26.32 -37.13
N TRP A 111 14.24 25.60 -38.22
CA TRP A 111 13.54 26.20 -39.35
C TRP A 111 12.75 25.15 -40.11
N GLU A 112 11.62 25.55 -40.66
CA GLU A 112 10.72 24.66 -41.37
C GLU A 112 10.84 24.89 -42.87
N VAL A 113 11.05 23.81 -43.62
CA VAL A 113 11.15 23.84 -45.07
C VAL A 113 10.13 22.87 -45.62
N GLU A 114 9.25 23.35 -46.48
CA GLU A 114 8.26 22.48 -47.10
C GLU A 114 8.79 22.02 -48.45
N VAL A 115 8.86 20.71 -48.64
CA VAL A 115 9.29 20.15 -49.92
C VAL A 115 8.11 19.85 -50.84
N GLY A 116 6.91 19.69 -50.30
CA GLY A 116 5.77 19.38 -51.12
C GLY A 116 5.92 18.02 -51.79
N ASP A 117 5.26 17.89 -52.93
CA ASP A 117 5.35 16.68 -53.75
C ASP A 117 6.53 16.71 -54.72
N ARG A 118 7.67 17.14 -54.22
CA ARG A 118 8.87 17.19 -55.04
C ARG A 118 9.44 15.78 -55.23
N LYS A 119 10.36 15.66 -56.17
CA LYS A 119 10.99 14.38 -56.49
C LYS A 119 12.50 14.40 -56.32
N GLU A 120 13.09 15.53 -55.96
CA GLU A 120 14.53 15.61 -55.76
C GLU A 120 14.84 16.86 -54.96
N TRP A 121 15.36 16.69 -53.74
CA TRP A 121 15.79 17.82 -52.93
C TRP A 121 16.82 17.34 -51.93
N HIS A 122 17.60 18.29 -51.41
CA HIS A 122 18.57 18.00 -50.36
C HIS A 122 18.71 19.25 -49.49
N ILE A 123 18.24 19.17 -48.25
CA ILE A 123 18.36 20.28 -47.31
C ILE A 123 19.16 19.81 -46.11
N GLY A 124 19.90 20.74 -45.52
CA GLY A 124 20.71 20.41 -44.36
C GLY A 124 21.47 21.62 -43.86
N VAL A 125 22.52 21.34 -43.09
CA VAL A 125 23.37 22.36 -42.51
C VAL A 125 24.80 22.14 -43.01
N CYS A 126 25.41 23.19 -43.54
CA CYS A 126 26.79 23.17 -44.00
C CYS A 126 27.63 24.09 -43.14
N SER A 127 28.95 23.96 -43.27
CA SER A 127 29.88 24.78 -42.52
C SER A 127 30.04 26.14 -43.22
N LYS A 128 31.01 26.94 -42.78
CA LYS A 128 31.35 28.18 -43.44
C LYS A 128 32.63 28.10 -44.26
N ASN A 129 33.53 27.18 -43.92
CA ASN A 129 34.83 27.05 -44.58
C ASN A 129 34.72 25.84 -45.53
N VAL A 130 33.61 25.78 -46.26
CA VAL A 130 33.37 24.71 -47.22
C VAL A 130 34.00 25.06 -48.56
N GLN A 131 34.14 24.08 -49.44
CA GLN A 131 34.70 24.28 -50.77
C GLN A 131 33.57 24.56 -51.74
N ARG A 132 33.40 25.83 -52.10
CA ARG A 132 32.31 26.24 -52.98
C ARG A 132 32.69 26.21 -54.45
N LYS A 133 33.95 25.98 -54.78
CA LYS A 133 34.43 25.94 -56.16
C LYS A 133 34.72 24.50 -56.54
N GLY A 134 34.27 24.10 -57.73
CA GLY A 134 34.43 22.73 -58.15
C GLY A 134 33.43 21.80 -57.47
N TRP A 135 33.71 20.51 -57.56
CA TRP A 135 32.88 19.49 -56.94
C TRP A 135 33.57 18.96 -55.70
N VAL A 136 32.82 18.88 -54.60
CA VAL A 136 33.30 18.26 -53.37
C VAL A 136 32.17 17.40 -52.82
N LYS A 137 32.51 16.20 -52.37
CA LYS A 137 31.50 15.27 -51.87
C LYS A 137 30.88 15.82 -50.60
N MET A 138 29.54 15.84 -50.55
CA MET A 138 28.81 16.43 -49.42
C MET A 138 28.73 15.40 -48.30
N THR A 139 29.83 15.24 -47.59
CA THR A 139 29.94 14.37 -46.43
C THR A 139 30.09 15.19 -45.15
N PRO A 140 29.88 14.57 -43.99
CA PRO A 140 30.18 15.28 -42.73
C PRO A 140 31.62 15.74 -42.63
N GLU A 141 32.57 14.96 -43.15
CA GLU A 141 33.97 15.36 -43.10
C GLU A 141 34.24 16.59 -43.95
N ASN A 142 33.42 16.84 -44.97
CA ASN A 142 33.57 18.03 -45.81
C ASN A 142 32.71 19.18 -45.33
N GLY A 143 31.99 19.03 -44.23
CA GLY A 143 31.23 20.11 -43.63
C GLY A 143 29.76 20.14 -43.95
N PHE A 144 29.23 19.13 -44.64
CA PHE A 144 27.82 19.08 -45.00
C PHE A 144 27.13 17.98 -44.19
N TRP A 145 25.96 18.30 -43.64
CA TRP A 145 25.10 17.32 -42.99
C TRP A 145 23.71 17.52 -43.59
N THR A 146 23.30 16.60 -44.46
CA THR A 146 22.18 16.83 -45.35
C THR A 146 21.29 15.60 -45.44
N MET A 147 19.99 15.84 -45.59
CA MET A 147 19.01 14.79 -45.84
C MET A 147 18.49 14.95 -47.26
N GLY A 148 18.23 13.85 -47.95
CA GLY A 148 17.91 14.02 -49.34
C GLY A 148 16.95 12.97 -49.90
N LEU A 149 16.25 13.38 -50.95
CA LEU A 149 15.39 12.53 -51.74
C LEU A 149 16.03 12.30 -53.10
N THR A 150 15.88 11.09 -53.62
CA THR A 150 16.55 10.70 -54.86
C THR A 150 15.67 9.76 -55.66
N ASP A 151 15.75 9.90 -56.98
CA ASP A 151 15.09 9.04 -57.97
C ASP A 151 13.67 8.66 -57.55
N GLY A 152 12.90 9.68 -57.18
CA GLY A 152 11.49 9.48 -56.91
C GLY A 152 11.14 9.14 -55.48
N ASN A 153 11.48 7.94 -55.03
CA ASN A 153 11.10 7.49 -53.70
C ASN A 153 12.29 6.80 -53.03
N LYS A 154 13.45 7.45 -53.05
CA LYS A 154 14.59 7.01 -52.27
C LYS A 154 14.96 8.10 -51.28
N TYR A 155 15.32 7.69 -50.06
CA TYR A 155 15.71 8.63 -49.01
C TYR A 155 17.11 8.30 -48.53
N ARG A 156 17.95 9.32 -48.37
CA ARG A 156 19.34 9.11 -48.03
C ARG A 156 19.82 10.16 -47.05
N THR A 157 20.80 9.76 -46.25
CA THR A 157 21.59 10.68 -45.42
C THR A 157 22.99 10.74 -45.97
N LEU A 158 23.44 11.95 -46.30
CA LEU A 158 24.71 12.14 -47.01
C LEU A 158 25.91 11.97 -46.08
N THR A 159 26.08 10.73 -45.62
CA THR A 159 27.32 10.31 -44.99
C THR A 159 28.21 9.70 -46.08
N GLU A 160 29.29 9.05 -45.68
CA GLU A 160 30.11 8.29 -46.62
C GLU A 160 30.26 6.85 -46.15
N PRO A 161 29.83 5.86 -46.95
CA PRO A 161 29.03 6.00 -48.18
C PRO A 161 27.57 6.31 -47.85
N ARG A 162 26.76 6.66 -48.85
CA ARG A 162 25.37 7.04 -48.59
C ARG A 162 24.63 5.91 -47.90
N THR A 163 23.85 6.27 -46.87
CA THR A 163 23.07 5.32 -46.10
C THR A 163 21.58 5.54 -46.38
N ASN A 164 20.83 4.44 -46.42
CA ASN A 164 19.42 4.51 -46.75
C ASN A 164 18.58 4.68 -45.50
N LEU A 165 17.64 5.63 -45.55
CA LEU A 165 16.71 5.87 -44.46
C LEU A 165 15.34 5.31 -44.85
N LYS A 166 15.02 4.13 -44.34
CA LYS A 166 13.72 3.51 -44.56
C LYS A 166 12.71 4.18 -43.64
N LEU A 167 11.68 4.78 -44.21
CA LEU A 167 10.66 5.44 -43.41
C LEU A 167 9.27 5.00 -43.88
N PRO A 168 8.30 4.95 -42.98
CA PRO A 168 6.97 4.47 -43.36
C PRO A 168 6.11 5.51 -44.06
N LYS A 169 6.32 6.78 -43.74
CA LYS A 169 5.50 7.85 -44.27
C LYS A 169 6.22 8.57 -45.41
N THR A 170 5.64 9.67 -45.87
CA THR A 170 6.24 10.49 -46.92
C THR A 170 6.18 11.95 -46.49
N PRO A 171 7.30 12.54 -46.06
CA PRO A 171 7.26 13.90 -45.55
C PRO A 171 6.91 14.92 -46.62
N LYS A 172 6.27 15.99 -46.19
CA LYS A 172 6.03 17.16 -47.02
C LYS A 172 6.65 18.42 -46.42
N LYS A 173 6.61 18.56 -45.10
CA LYS A 173 7.27 19.65 -44.40
C LYS A 173 8.28 19.06 -43.42
N VAL A 174 9.53 19.49 -43.53
CA VAL A 174 10.61 18.99 -42.70
C VAL A 174 11.13 20.13 -41.84
N GLY A 175 11.21 19.91 -40.55
CA GLY A 175 11.80 20.86 -39.62
C GLY A 175 13.23 20.42 -39.31
N VAL A 176 14.17 21.36 -39.46
CA VAL A 176 15.56 21.13 -39.15
C VAL A 176 15.88 21.83 -37.85
N PHE A 177 16.48 21.09 -36.92
CA PHE A 177 16.77 21.57 -35.57
C PHE A 177 18.27 21.45 -35.32
N LEU A 178 18.91 22.56 -34.99
CA LEU A 178 20.34 22.59 -34.74
C LEU A 178 20.60 22.98 -33.29
N ASP A 179 21.38 22.15 -32.60
CA ASP A 179 21.86 22.41 -31.25
C ASP A 179 23.38 22.43 -31.30
N TYR A 180 23.95 23.63 -31.16
CA TYR A 180 25.40 23.79 -31.23
C TYR A 180 26.09 23.04 -30.10
N GLU A 181 25.68 23.30 -28.86
CA GLU A 181 26.39 22.76 -27.71
C GLU A 181 26.28 21.24 -27.64
N THR A 182 25.06 20.73 -27.74
CA THR A 182 24.88 19.27 -27.74
C THR A 182 25.37 18.66 -29.04
N GLY A 183 25.58 19.49 -30.07
CA GLY A 183 26.06 19.02 -31.34
C GLY A 183 25.08 18.09 -32.04
N ASP A 184 23.82 18.52 -32.14
CA ASP A 184 22.78 17.65 -32.69
C ASP A 184 22.03 18.37 -33.80
N ILE A 185 22.04 17.77 -34.99
CA ILE A 185 21.21 18.21 -36.11
C ILE A 185 20.14 17.15 -36.32
N SER A 186 18.89 17.55 -36.22
CA SER A 186 17.76 16.64 -36.26
C SER A 186 16.79 17.03 -37.35
N PHE A 187 16.27 16.05 -38.07
CA PHE A 187 15.25 16.27 -39.08
C PHE A 187 13.94 15.63 -38.64
N TYR A 188 12.88 16.43 -38.59
CA TYR A 188 11.58 15.96 -38.12
C TYR A 188 10.52 16.22 -39.18
N ASN A 189 9.47 15.41 -39.15
CA ASN A 189 8.33 15.60 -40.04
C ASN A 189 7.35 16.54 -39.36
N ALA A 190 7.35 17.80 -39.81
CA ALA A 190 6.57 18.85 -39.14
C ALA A 190 5.07 18.60 -39.19
N VAL A 191 4.57 17.83 -40.15
CA VAL A 191 3.14 17.56 -40.23
C VAL A 191 2.69 16.65 -39.10
N ASP A 192 3.44 15.60 -38.79
CA ASP A 192 3.04 14.62 -37.80
C ASP A 192 3.92 14.56 -36.57
N GLY A 193 5.20 14.87 -36.69
CA GLY A 193 6.10 14.85 -35.55
C GLY A 193 7.00 13.65 -35.43
N SER A 194 7.17 12.86 -36.48
CA SER A 194 8.02 11.69 -36.42
C SER A 194 9.50 12.10 -36.45
N HIS A 195 10.36 11.10 -36.55
CA HIS A 195 11.81 11.30 -36.51
C HIS A 195 12.44 10.63 -37.72
N ILE A 196 13.42 11.31 -38.33
CA ILE A 196 14.07 10.80 -39.52
C ILE A 196 15.54 10.48 -39.22
N HIS A 197 16.31 11.49 -38.87
CA HIS A 197 17.70 11.24 -38.51
C HIS A 197 18.24 12.38 -37.65
N THR A 198 19.17 12.01 -36.77
CA THR A 198 19.85 12.94 -35.88
C THR A 198 21.33 12.64 -35.91
N PHE A 199 22.15 13.67 -36.13
CA PHE A 199 23.60 13.53 -36.15
C PHE A 199 24.11 13.75 -34.73
N LEU A 200 24.74 12.72 -34.15
CA LEU A 200 25.11 12.72 -32.75
C LEU A 200 26.60 13.01 -32.60
N ASP A 201 26.94 13.89 -31.67
CA ASP A 201 28.33 14.20 -31.32
C ASP A 201 29.11 14.71 -32.53
N VAL A 202 28.66 15.85 -33.04
CA VAL A 202 29.32 16.53 -34.15
C VAL A 202 30.26 17.58 -33.57
N SER A 203 31.55 17.47 -33.89
CA SER A 203 32.54 18.42 -33.41
C SER A 203 32.39 19.72 -34.19
N PHE A 204 31.83 20.73 -33.54
CA PHE A 204 31.57 22.01 -34.18
C PHE A 204 32.70 22.99 -33.84
N SER A 205 33.21 23.67 -34.86
CA SER A 205 34.28 24.64 -34.66
C SER A 205 33.94 25.98 -35.29
N GLU A 206 33.26 25.96 -36.43
CA GLU A 206 32.96 27.16 -37.17
C GLU A 206 31.46 27.44 -37.15
N ALA A 207 31.05 28.49 -37.85
CA ALA A 207 29.64 28.85 -37.94
C ALA A 207 28.92 27.89 -38.88
N LEU A 208 27.59 27.88 -38.78
CA LEU A 208 26.76 26.95 -39.55
C LEU A 208 25.77 27.71 -40.40
N TYR A 209 25.58 27.23 -41.63
CA TYR A 209 24.71 27.82 -42.63
C TYR A 209 23.65 26.81 -43.04
N PRO A 210 22.42 27.25 -43.30
CA PRO A 210 21.49 26.37 -44.01
C PRO A 210 21.95 26.16 -45.44
N VAL A 211 21.71 24.96 -45.97
CA VAL A 211 22.06 24.63 -47.34
C VAL A 211 20.89 23.89 -47.99
N PHE A 212 20.54 24.32 -49.20
CA PHE A 212 19.48 23.68 -49.97
C PHE A 212 19.96 23.49 -51.39
N ARG A 213 19.83 22.27 -51.92
CA ARG A 213 20.23 21.97 -53.28
C ARG A 213 19.14 21.16 -53.98
N ILE A 214 18.91 21.48 -55.25
CA ILE A 214 17.89 20.83 -56.07
C ILE A 214 18.53 20.49 -57.41
N LEU A 215 18.35 19.24 -57.85
CA LEU A 215 18.94 18.80 -59.11
C LEU A 215 17.94 18.89 -60.26
N THR A 216 16.83 18.19 -60.15
CA THR A 216 15.94 18.00 -61.30
C THR A 216 15.10 19.24 -61.56
N LEU A 217 14.74 19.42 -62.83
CA LEU A 217 13.78 20.45 -63.20
C LEU A 217 12.41 20.08 -62.67
N GLU A 218 11.87 20.93 -61.79
CA GLU A 218 10.56 20.63 -61.23
C GLU A 218 9.75 21.91 -61.13
N PRO A 219 8.43 21.84 -61.29
CA PRO A 219 7.59 23.03 -61.12
C PRO A 219 7.27 23.39 -59.68
N THR A 220 7.94 22.79 -58.71
CA THR A 220 7.67 23.02 -57.29
C THR A 220 8.88 23.69 -56.65
N ALA A 221 8.64 24.77 -55.92
CA ALA A 221 9.68 25.56 -55.30
C ALA A 221 9.86 25.15 -53.85
N LEU A 222 11.12 25.12 -53.40
CA LEU A 222 11.45 24.80 -52.02
C LEU A 222 11.23 26.03 -51.16
N THR A 223 10.22 25.99 -50.30
CA THR A 223 9.82 27.14 -49.51
C THR A 223 10.32 26.99 -48.07
N ILE A 224 10.91 28.05 -47.54
CA ILE A 224 11.33 28.12 -46.15
C ILE A 224 10.31 29.00 -45.43
N CYS A 225 9.56 28.41 -44.52
CA CYS A 225 8.58 29.21 -43.80
C CYS A 225 9.15 29.64 -42.45
N PRO A 226 8.99 30.91 -42.08
CA PRO A 226 9.58 31.38 -40.83
C PRO A 226 8.75 31.02 -39.62
N ALA A 227 9.15 31.52 -38.44
CA ALA A 227 8.43 31.26 -37.21
C ALA A 227 6.99 31.79 -37.29
N TRP B 9 22.95 37.73 -1.39
CA TRP B 9 21.57 37.55 -1.85
C TRP B 9 21.51 36.65 -3.07
N SER B 10 22.58 36.64 -3.86
CA SER B 10 22.67 35.85 -5.07
C SER B 10 23.06 34.40 -4.81
N THR B 11 23.57 34.09 -3.62
CA THR B 11 24.01 32.72 -3.33
C THR B 11 22.84 31.73 -3.39
N MET B 12 21.85 31.92 -2.54
CA MET B 12 20.67 31.05 -2.59
C MET B 12 19.82 31.33 -3.82
N LYS B 13 19.89 32.55 -4.35
CA LYS B 13 19.13 32.87 -5.55
C LYS B 13 19.59 32.02 -6.74
N GLN B 14 20.90 31.82 -6.89
CA GLN B 14 21.39 30.94 -7.93
C GLN B 14 20.91 29.51 -7.71
N GLU B 15 21.14 28.97 -6.51
CA GLU B 15 20.76 27.60 -6.22
C GLU B 15 19.25 27.39 -6.37
N GLN B 16 18.46 28.45 -6.32
CA GLN B 16 17.04 28.32 -6.62
C GLN B 16 16.80 28.37 -8.12
N SER B 17 17.15 29.50 -8.76
CA SER B 17 16.72 29.75 -10.13
C SER B 17 17.41 28.82 -11.12
N THR B 18 18.73 28.68 -11.03
CA THR B 18 19.44 27.88 -12.02
C THR B 18 19.05 26.41 -11.93
N ARG B 19 18.90 25.88 -10.71
CA ARG B 19 18.50 24.48 -10.58
C ARG B 19 17.06 24.27 -11.02
N VAL B 20 16.17 25.23 -10.74
CA VAL B 20 14.80 25.10 -11.21
C VAL B 20 14.75 25.11 -12.74
N LYS B 21 15.53 26.01 -13.35
CA LYS B 21 15.56 26.08 -14.81
C LYS B 21 16.16 24.82 -15.42
N LEU B 22 17.20 24.28 -14.79
CA LEU B 22 17.77 23.02 -15.25
C LEU B 22 16.76 21.87 -15.14
N LEU B 23 15.99 21.84 -14.05
CA LEU B 23 14.99 20.80 -13.87
C LEU B 23 13.92 20.89 -14.96
N GLU B 24 13.44 22.11 -15.24
CA GLU B 24 12.43 22.24 -16.28
C GLU B 24 13.00 21.95 -17.66
N GLU B 25 14.26 22.33 -17.91
CA GLU B 25 14.90 21.99 -19.17
C GLU B 25 15.00 20.48 -19.35
N LEU B 26 15.35 19.75 -18.29
CA LEU B 26 15.41 18.30 -18.38
C LEU B 26 14.03 17.68 -18.57
N ARG B 27 13.02 18.25 -17.90
CA ARG B 27 11.66 17.76 -18.12
C ARG B 27 11.23 17.94 -19.57
N TRP B 28 11.55 19.08 -20.17
CA TRP B 28 11.23 19.29 -21.57
C TRP B 28 12.09 18.43 -22.49
N ARG B 29 13.33 18.14 -22.09
CA ARG B 29 14.17 17.21 -22.83
C ARG B 29 13.60 15.81 -22.81
N SER B 30 12.87 15.45 -21.75
CA SER B 30 12.27 14.13 -21.68
C SER B 30 11.32 13.89 -22.85
N ILE B 31 10.50 14.89 -23.17
CA ILE B 31 9.51 14.72 -24.23
C ILE B 31 10.18 14.63 -25.60
N GLN B 32 11.10 15.54 -25.89
CA GLN B 32 11.69 15.59 -27.23
C GLN B 32 12.75 14.52 -27.43
N TYR B 33 13.31 13.98 -26.36
CA TYR B 33 14.39 13.03 -26.48
C TYR B 33 13.88 11.60 -26.52
N ALA B 34 12.69 11.35 -25.99
CA ALA B 34 11.98 10.10 -26.17
C ALA B 34 11.16 10.07 -27.45
N SER B 35 11.02 11.21 -28.13
CA SER B 35 10.37 11.23 -29.43
C SER B 35 11.16 10.46 -30.48
N ARG B 36 12.41 10.11 -30.19
CA ARG B 36 13.22 9.30 -31.08
C ARG B 36 12.83 7.83 -30.91
N GLY B 37 13.64 6.93 -31.47
CA GLY B 37 13.30 5.52 -31.45
C GLY B 37 13.49 4.90 -30.08
N GLU B 38 12.97 3.69 -29.92
CA GLU B 38 13.06 2.94 -28.68
C GLU B 38 14.22 1.97 -28.76
N ARG B 39 15.44 2.50 -28.87
CA ARG B 39 16.64 1.67 -28.91
C ARG B 39 17.00 1.32 -27.46
N HIS B 40 16.19 0.44 -26.87
CA HIS B 40 16.43 -0.04 -25.51
C HIS B 40 17.35 -1.25 -25.59
N SER B 41 18.65 -0.98 -25.55
CA SER B 41 19.68 -2.02 -25.61
C SER B 41 20.86 -1.51 -24.81
N ALA B 42 21.76 -2.43 -24.46
CA ALA B 42 22.87 -2.14 -23.56
C ALA B 42 22.33 -1.53 -22.26
N TYR B 43 21.53 -2.33 -21.56
CA TYR B 43 20.93 -1.89 -20.31
C TYR B 43 21.98 -1.52 -19.26
N ASN B 44 23.20 -2.06 -19.39
CA ASN B 44 24.28 -1.76 -18.48
C ASN B 44 25.05 -0.51 -18.89
N GLU B 45 24.70 0.11 -20.02
CA GLU B 45 25.40 1.31 -20.46
C GLU B 45 24.99 2.53 -19.65
N TRP B 46 23.73 2.58 -19.20
CA TRP B 46 23.24 3.71 -18.43
C TRP B 46 22.92 3.39 -16.98
N LYS B 47 22.58 2.14 -16.67
CA LYS B 47 22.14 1.80 -15.32
C LYS B 47 23.25 1.89 -14.30
N LYS B 48 24.51 1.97 -14.73
CA LYS B 48 25.63 2.07 -13.80
C LYS B 48 26.27 3.45 -13.77
N ALA B 49 26.15 4.24 -14.84
CA ALA B 49 26.79 5.54 -14.90
C ALA B 49 25.88 6.65 -14.39
N LEU B 50 24.66 6.73 -14.92
CA LEU B 50 23.72 7.75 -14.47
C LEU B 50 23.26 7.50 -13.04
N PHE B 51 23.01 6.25 -12.68
CA PHE B 51 22.46 5.88 -11.38
C PHE B 51 23.49 5.10 -10.57
N LYS B 52 23.57 5.42 -9.27
CA LYS B 52 24.60 4.65 -8.59
C LYS B 52 23.97 3.48 -7.82
N PRO B 53 24.68 2.36 -7.73
CA PRO B 53 24.11 1.18 -7.08
C PRO B 53 23.88 1.40 -5.59
N ALA B 54 22.85 0.72 -5.07
CA ALA B 54 22.54 0.73 -3.65
C ALA B 54 22.38 -0.71 -3.18
N ASP B 55 23.13 -1.08 -2.13
CA ASP B 55 23.04 -2.41 -1.55
C ASP B 55 21.95 -2.32 -0.49
N VAL B 56 20.82 -2.99 -0.74
CA VAL B 56 19.66 -2.89 0.12
C VAL B 56 19.74 -4.00 1.17
N ILE B 57 20.05 -3.60 2.40
CA ILE B 57 19.92 -4.49 3.55
C ILE B 57 18.49 -4.34 4.06
N LEU B 58 17.82 -5.47 4.29
CA LEU B 58 16.47 -5.43 4.82
C LEU B 58 16.51 -5.20 6.32
N ASP B 59 15.38 -4.76 6.85
CA ASP B 59 15.31 -4.37 8.26
C ASP B 59 14.39 -5.38 8.92
N PRO B 60 14.94 -6.42 9.58
CA PRO B 60 14.07 -7.44 10.17
C PRO B 60 13.47 -6.99 11.48
N LYS B 61 13.02 -5.74 11.52
CA LYS B 61 12.33 -5.21 12.69
C LYS B 61 11.07 -4.43 12.32
N THR B 62 11.01 -3.83 11.13
CA THR B 62 9.83 -3.15 10.62
C THR B 62 8.89 -4.09 9.88
N ALA B 63 9.24 -5.37 9.77
CA ALA B 63 8.45 -6.31 9.01
C ALA B 63 7.21 -6.73 9.78
N ASN B 64 6.19 -7.20 9.04
CA ASN B 64 5.02 -7.78 9.64
C ASN B 64 5.40 -9.05 10.38
N PRO B 65 4.69 -9.40 11.46
CA PRO B 65 5.02 -10.62 12.21
C PRO B 65 4.87 -11.87 11.37
N ILE B 66 4.10 -11.78 10.29
CA ILE B 66 3.85 -12.91 9.40
C ILE B 66 5.04 -13.23 8.49
N LEU B 67 5.98 -12.30 8.35
CA LEU B 67 7.07 -12.44 7.38
C LEU B 67 8.33 -12.97 8.04
N LEU B 68 8.97 -13.93 7.38
CA LEU B 68 10.27 -14.46 7.77
C LEU B 68 11.33 -13.84 6.86
N VAL B 69 12.39 -13.31 7.47
CA VAL B 69 13.51 -12.71 6.75
C VAL B 69 14.77 -13.48 7.08
N SER B 70 15.49 -13.91 6.06
CA SER B 70 16.73 -14.63 6.28
C SER B 70 17.75 -13.75 6.98
N GLU B 71 18.75 -14.39 7.59
CA GLU B 71 19.75 -13.66 8.36
C GLU B 71 20.53 -12.67 7.51
N ASP B 72 20.58 -12.87 6.20
CA ASP B 72 21.30 -11.97 5.31
C ASP B 72 20.42 -10.85 4.75
N GLN B 73 19.15 -10.79 5.16
CA GLN B 73 18.25 -9.70 4.79
C GLN B 73 18.06 -9.61 3.28
N ARG B 74 18.17 -10.75 2.59
CA ARG B 74 17.81 -10.89 1.18
C ARG B 74 16.34 -11.23 1.00
N SER B 75 15.91 -12.36 1.55
CA SER B 75 14.60 -12.91 1.24
C SER B 75 13.59 -12.56 2.33
N VAL B 76 12.39 -12.22 1.89
CA VAL B 76 11.23 -12.07 2.77
C VAL B 76 10.17 -13.03 2.26
N GLN B 77 9.60 -13.82 3.16
CA GLN B 77 8.65 -14.85 2.74
C GLN B 77 7.53 -14.95 3.77
N ARG B 78 6.29 -15.09 3.29
CA ARG B 78 5.16 -15.16 4.20
C ARG B 78 5.18 -16.49 4.95
N ALA B 79 5.34 -16.42 6.26
CA ALA B 79 5.39 -17.63 7.07
C ALA B 79 4.01 -18.25 7.22
N LYS B 80 3.98 -19.46 7.78
CA LYS B 80 2.73 -20.22 7.85
C LYS B 80 1.70 -19.54 8.74
N GLU B 81 2.12 -19.07 9.91
CA GLU B 81 1.20 -18.48 10.87
C GLU B 81 1.78 -17.18 11.41
N PRO B 82 0.93 -16.22 11.77
CA PRO B 82 1.44 -14.97 12.34
C PRO B 82 2.19 -15.22 13.64
N GLN B 83 3.25 -14.47 13.85
CA GLN B 83 4.04 -14.56 15.07
C GLN B 83 3.59 -13.50 16.06
N ASP B 84 4.03 -13.63 17.31
CA ASP B 84 3.75 -12.65 18.35
C ASP B 84 5.10 -12.12 18.83
N LEU B 85 5.60 -11.10 18.13
CA LEU B 85 6.86 -10.45 18.44
C LEU B 85 6.59 -9.06 18.97
N PRO B 86 7.52 -8.48 19.75
CA PRO B 86 7.27 -7.15 20.31
C PRO B 86 7.01 -6.13 19.22
N ASP B 87 6.01 -5.29 19.44
CA ASP B 87 5.62 -4.28 18.45
C ASP B 87 6.00 -2.88 18.91
N ASN B 88 6.05 -1.97 17.93
CA ASN B 88 6.41 -0.58 18.14
C ASN B 88 6.08 0.19 16.87
N PRO B 89 6.12 1.53 16.88
CA PRO B 89 5.76 2.29 15.67
C PRO B 89 6.58 1.94 14.44
N GLU B 90 7.68 1.19 14.60
CA GLU B 90 8.43 0.73 13.45
C GLU B 90 7.74 -0.45 12.76
N ARG B 91 7.12 -1.33 13.53
CA ARG B 91 6.59 -2.57 12.99
C ARG B 91 5.25 -2.33 12.31
N PHE B 92 5.17 -2.68 11.03
CA PHE B 92 3.89 -2.85 10.38
C PHE B 92 3.10 -3.93 11.11
N ASN B 93 1.84 -3.66 11.41
CA ASN B 93 1.00 -4.64 12.08
C ASN B 93 -0.02 -5.31 11.17
N TRP B 94 -0.42 -4.65 10.09
CA TRP B 94 -1.41 -5.22 9.18
C TRP B 94 -0.83 -5.51 7.80
N HIS B 95 -0.25 -4.52 7.12
CA HIS B 95 0.29 -4.75 5.79
C HIS B 95 1.47 -5.70 5.87
N TYR B 96 1.53 -6.63 4.92
CA TYR B 96 2.56 -7.66 4.91
C TYR B 96 3.86 -7.09 4.35
N CYS B 97 4.32 -5.97 4.91
CA CYS B 97 5.34 -5.16 4.30
C CYS B 97 6.63 -5.20 5.10
N VAL B 98 7.76 -5.11 4.39
CA VAL B 98 9.08 -5.02 4.97
C VAL B 98 9.83 -3.89 4.28
N LEU B 99 10.63 -3.17 5.06
CA LEU B 99 11.39 -2.04 4.58
C LEU B 99 12.88 -2.32 4.69
N GLY B 100 13.66 -1.68 3.83
CA GLY B 100 15.09 -1.68 3.98
C GLY B 100 15.51 -0.80 5.15
N CYS B 101 16.79 -0.90 5.52
CA CYS B 101 17.27 -0.11 6.64
C CYS B 101 17.49 1.35 6.26
N GLU B 102 18.00 1.62 5.07
CA GLU B 102 18.48 2.93 4.72
C GLU B 102 17.39 3.80 4.10
N SER B 103 17.52 5.11 4.28
CA SER B 103 16.62 6.09 3.70
C SER B 103 17.37 6.92 2.67
N PHE B 104 16.66 7.40 1.67
CA PHE B 104 17.24 8.20 0.61
C PHE B 104 16.61 9.59 0.61
N ILE B 105 17.45 10.62 0.56
CA ILE B 105 16.98 12.01 0.57
C ILE B 105 17.52 12.83 -0.58
N SER B 106 18.65 12.48 -1.18
CA SER B 106 19.21 13.24 -2.29
C SER B 106 19.87 12.27 -3.26
N GLY B 107 20.33 12.82 -4.39
CA GLY B 107 21.01 12.00 -5.36
C GLY B 107 20.06 11.07 -6.09
N ARG B 108 20.63 10.03 -6.69
CA ARG B 108 19.85 9.06 -7.45
C ARG B 108 20.44 7.67 -7.26
N HIS B 109 19.58 6.71 -6.95
CA HIS B 109 20.00 5.36 -6.58
C HIS B 109 19.13 4.33 -7.30
N TYR B 110 19.50 3.06 -7.18
CA TYR B 110 18.70 2.01 -7.79
C TYR B 110 18.96 0.68 -7.09
N TRP B 111 18.04 -0.26 -7.28
CA TRP B 111 18.21 -1.60 -6.73
C TRP B 111 17.40 -2.60 -7.54
N GLU B 112 17.89 -3.83 -7.59
CA GLU B 112 17.30 -4.90 -8.40
C GLU B 112 16.67 -5.95 -7.50
N VAL B 113 15.42 -6.30 -7.80
CA VAL B 113 14.66 -7.30 -7.06
C VAL B 113 14.49 -8.49 -7.99
N GLU B 114 14.93 -9.66 -7.52
CA GLU B 114 14.77 -10.91 -8.25
C GLU B 114 13.45 -11.55 -7.82
N VAL B 115 12.37 -11.22 -8.52
CA VAL B 115 11.05 -11.76 -8.18
C VAL B 115 10.90 -13.21 -8.60
N GLY B 116 11.88 -13.77 -9.29
CA GLY B 116 11.83 -15.16 -9.70
C GLY B 116 10.61 -15.50 -10.54
N ASP B 117 9.90 -16.56 -10.14
CA ASP B 117 8.69 -17.00 -10.83
C ASP B 117 7.52 -17.00 -9.88
N ARG B 118 7.38 -15.95 -9.07
CA ARG B 118 6.32 -15.88 -8.08
C ARG B 118 4.99 -15.54 -8.76
N LYS B 119 3.93 -15.53 -7.96
CA LYS B 119 2.59 -15.24 -8.45
C LYS B 119 1.98 -13.97 -7.89
N GLU B 120 2.59 -13.36 -6.86
CA GLU B 120 2.04 -12.15 -6.29
C GLU B 120 3.13 -11.45 -5.48
N TRP B 121 3.43 -10.20 -5.83
CA TRP B 121 4.38 -9.41 -5.08
C TRP B 121 4.15 -7.94 -5.39
N HIS B 122 4.69 -7.07 -4.53
CA HIS B 122 4.64 -5.64 -4.77
C HIS B 122 5.91 -5.01 -4.23
N ILE B 123 6.51 -4.14 -5.06
CA ILE B 123 7.75 -3.47 -4.72
C ILE B 123 7.63 -1.98 -5.04
N GLY B 124 8.41 -1.17 -4.33
CA GLY B 124 8.41 0.26 -4.57
C GLY B 124 9.07 0.98 -3.42
N VAL B 125 8.72 2.26 -3.28
CA VAL B 125 9.25 3.11 -2.22
C VAL B 125 8.08 3.69 -1.44
N CYS B 126 8.39 4.14 -0.21
CA CYS B 126 7.40 4.70 0.68
C CYS B 126 8.00 5.87 1.45
N SER B 127 7.13 6.76 1.92
CA SER B 127 7.58 7.92 2.67
C SER B 127 8.03 7.52 4.07
N LYS B 128 8.80 8.41 4.71
CA LYS B 128 9.32 8.14 6.04
C LYS B 128 8.20 8.06 7.07
N ASN B 129 7.12 8.82 6.89
CA ASN B 129 6.06 8.95 7.87
C ASN B 129 4.85 8.08 7.54
N VAL B 130 5.06 6.89 7.01
CA VAL B 130 3.94 6.05 6.59
C VAL B 130 3.17 5.56 7.80
N GLN B 131 1.88 5.27 7.60
CA GLN B 131 0.99 4.80 8.65
C GLN B 131 1.17 3.29 8.81
N ARG B 132 1.97 2.89 9.80
CA ARG B 132 2.30 1.49 10.01
C ARG B 132 1.35 0.78 10.96
N LYS B 133 0.30 1.45 11.41
CA LYS B 133 -0.65 0.88 12.36
C LYS B 133 -2.04 0.90 11.74
N GLY B 134 -2.52 -0.26 11.32
CA GLY B 134 -3.81 -0.38 10.68
C GLY B 134 -3.69 -0.61 9.19
N TRP B 135 -4.78 -0.32 8.48
CA TRP B 135 -4.83 -0.42 7.03
C TRP B 135 -4.89 0.98 6.44
N VAL B 136 -3.95 1.27 5.54
CA VAL B 136 -3.93 2.51 4.77
C VAL B 136 -3.72 2.14 3.31
N LYS B 137 -4.49 2.74 2.42
CA LYS B 137 -4.41 2.41 1.01
C LYS B 137 -3.04 2.76 0.45
N MET B 138 -2.50 1.86 -0.37
CA MET B 138 -1.18 2.06 -0.96
C MET B 138 -1.32 2.81 -2.28
N THR B 139 -1.27 4.13 -2.21
CA THR B 139 -1.40 5.02 -3.35
C THR B 139 -0.29 6.06 -3.30
N PRO B 140 -0.03 6.73 -4.42
CA PRO B 140 0.92 7.85 -4.38
C PRO B 140 0.51 8.95 -3.42
N GLU B 141 -0.79 9.13 -3.18
CA GLU B 141 -1.24 10.18 -2.28
C GLU B 141 -0.72 9.97 -0.86
N ASN B 142 -0.74 8.72 -0.38
CA ASN B 142 -0.23 8.43 0.95
C ASN B 142 1.29 8.47 0.99
N GLY B 143 1.95 7.91 0.00
CA GLY B 143 3.41 7.88 -0.01
C GLY B 143 3.98 6.58 -0.53
N PHE B 144 3.11 5.62 -0.82
CA PHE B 144 3.52 4.32 -1.34
C PHE B 144 3.49 4.38 -2.86
N TRP B 145 4.66 4.57 -3.46
CA TRP B 145 4.82 4.48 -4.91
C TRP B 145 5.32 3.07 -5.21
N THR B 146 4.38 2.18 -5.52
CA THR B 146 4.67 0.77 -5.68
C THR B 146 3.95 0.21 -6.91
N MET B 147 4.41 -0.95 -7.35
CA MET B 147 3.81 -1.70 -8.45
C MET B 147 4.19 -3.16 -8.31
N GLY B 148 3.48 -4.02 -9.04
CA GLY B 148 3.84 -5.42 -9.03
C GLY B 148 2.72 -6.29 -9.57
N LEU B 149 2.79 -7.56 -9.20
CA LEU B 149 1.97 -8.60 -9.81
C LEU B 149 0.96 -9.15 -8.81
N THR B 150 -0.28 -9.32 -9.26
CA THR B 150 -1.35 -9.88 -8.46
C THR B 150 -2.19 -10.78 -9.36
N ASP B 151 -3.07 -11.57 -8.73
CA ASP B 151 -4.01 -12.44 -9.44
C ASP B 151 -3.26 -13.44 -10.31
N GLY B 152 -2.14 -13.92 -9.79
CA GLY B 152 -1.33 -14.88 -10.50
C GLY B 152 -0.53 -14.26 -11.63
N ASN B 153 -1.21 -13.79 -12.68
CA ASN B 153 -0.51 -13.31 -13.85
C ASN B 153 -0.99 -11.94 -14.32
N LYS B 154 -1.41 -11.06 -13.42
CA LYS B 154 -1.88 -9.74 -13.79
C LYS B 154 -0.96 -8.68 -13.22
N TYR B 155 -0.40 -7.84 -14.08
CA TYR B 155 0.54 -6.81 -13.66
C TYR B 155 -0.21 -5.50 -13.46
N ARG B 156 0.09 -4.83 -12.35
CA ARG B 156 -0.70 -3.66 -11.95
C ARG B 156 0.21 -2.65 -11.27
N THR B 157 -0.19 -1.38 -11.37
CA THR B 157 0.45 -0.28 -10.68
C THR B 157 -0.53 0.30 -9.66
N LEU B 158 -0.04 0.53 -8.45
CA LEU B 158 -0.87 0.95 -7.33
C LEU B 158 -1.09 2.46 -7.40
N THR B 159 -2.04 2.84 -8.23
CA THR B 159 -2.50 4.21 -8.34
C THR B 159 -3.91 4.32 -7.79
N GLU B 160 -4.51 5.50 -7.93
CA GLU B 160 -5.89 5.73 -7.51
C GLU B 160 -6.70 6.18 -8.73
N PRO B 161 -7.43 5.28 -9.38
CA PRO B 161 -7.57 3.84 -9.11
C PRO B 161 -6.40 3.02 -9.61
N ARG B 162 -6.27 1.78 -9.15
CA ARG B 162 -5.18 0.91 -9.56
C ARG B 162 -5.27 0.63 -11.05
N THR B 163 -4.12 0.59 -11.72
CA THR B 163 -4.09 0.54 -13.19
C THR B 163 -3.45 -0.75 -13.67
N ASN B 164 -4.17 -1.48 -14.52
CA ASN B 164 -3.60 -2.67 -15.15
C ASN B 164 -2.56 -2.27 -16.17
N LEU B 165 -1.52 -3.08 -16.29
CA LEU B 165 -0.39 -2.78 -17.16
C LEU B 165 -0.21 -3.91 -18.15
N LYS B 166 -0.16 -3.58 -19.43
CA LYS B 166 0.01 -4.57 -20.48
C LYS B 166 1.50 -4.78 -20.73
N LEU B 167 1.97 -6.00 -20.47
CA LEU B 167 3.37 -6.31 -20.69
C LEU B 167 3.52 -7.32 -21.81
N PRO B 168 4.46 -7.10 -22.74
CA PRO B 168 4.70 -8.09 -23.79
C PRO B 168 5.57 -9.25 -23.35
N LYS B 169 6.12 -9.20 -22.15
CA LYS B 169 7.00 -10.26 -21.65
C LYS B 169 6.61 -10.56 -20.21
N THR B 170 7.44 -11.36 -19.55
CA THR B 170 7.28 -11.67 -18.12
C THR B 170 8.53 -11.25 -17.38
N PRO B 171 8.50 -10.17 -16.61
CA PRO B 171 9.70 -9.72 -15.91
C PRO B 171 10.09 -10.63 -14.75
N LYS B 172 11.15 -11.41 -14.93
CA LYS B 172 11.70 -12.20 -13.84
C LYS B 172 12.51 -11.36 -12.87
N LYS B 173 12.99 -10.19 -13.31
CA LYS B 173 13.75 -9.28 -12.47
C LYS B 173 13.26 -7.87 -12.71
N VAL B 174 13.17 -7.08 -11.64
CA VAL B 174 12.67 -5.71 -11.74
C VAL B 174 13.67 -4.76 -11.10
N GLY B 175 14.05 -3.72 -11.82
CA GLY B 175 14.99 -2.72 -11.33
C GLY B 175 14.27 -1.42 -11.03
N VAL B 176 14.42 -0.95 -9.80
CA VAL B 176 13.78 0.29 -9.36
C VAL B 176 14.84 1.38 -9.27
N PHE B 177 14.59 2.48 -9.97
CA PHE B 177 15.49 3.63 -10.00
C PHE B 177 14.77 4.84 -9.40
N LEU B 178 15.41 5.48 -8.43
CA LEU B 178 14.91 6.68 -7.81
C LEU B 178 15.85 7.84 -8.10
N ASP B 179 15.28 8.98 -8.47
CA ASP B 179 16.05 10.20 -8.69
C ASP B 179 15.34 11.31 -7.94
N TYR B 180 15.87 11.68 -6.76
CA TYR B 180 15.16 12.59 -5.87
C TYR B 180 15.01 13.98 -6.48
N GLU B 181 16.06 14.49 -7.13
CA GLU B 181 16.03 15.86 -7.63
C GLU B 181 14.99 16.03 -8.73
N THR B 182 15.02 15.16 -9.73
CA THR B 182 13.97 15.19 -10.75
C THR B 182 12.65 14.75 -10.17
N GLY B 183 12.68 13.88 -9.16
CA GLY B 183 11.47 13.42 -8.52
C GLY B 183 10.69 12.41 -9.34
N ASP B 184 11.37 11.57 -10.12
CA ASP B 184 10.73 10.60 -10.97
C ASP B 184 11.28 9.22 -10.64
N ILE B 185 10.38 8.25 -10.52
CA ILE B 185 10.76 6.88 -10.12
C ILE B 185 10.39 5.94 -11.25
N SER B 186 11.27 4.99 -11.54
CA SER B 186 11.11 4.13 -12.70
C SER B 186 11.30 2.66 -12.33
N PHE B 187 10.46 1.81 -12.90
CA PHE B 187 10.60 0.36 -12.80
C PHE B 187 10.91 -0.16 -14.20
N TYR B 188 12.03 -0.87 -14.33
CA TYR B 188 12.51 -1.43 -15.59
C TYR B 188 12.58 -2.95 -15.50
N ASN B 189 12.47 -3.58 -16.67
CA ASN B 189 12.62 -5.03 -16.79
C ASN B 189 14.11 -5.33 -16.90
N ALA B 190 14.72 -5.68 -15.78
CA ALA B 190 16.17 -5.85 -15.70
C ALA B 190 16.64 -7.09 -16.46
N VAL B 191 15.71 -7.94 -16.88
CA VAL B 191 16.07 -9.10 -17.67
C VAL B 191 16.58 -8.69 -19.04
N ASP B 192 15.86 -7.79 -19.70
CA ASP B 192 16.19 -7.38 -21.06
C ASP B 192 16.35 -5.87 -21.21
N GLY B 193 16.27 -5.12 -20.11
CA GLY B 193 16.46 -3.68 -20.17
C GLY B 193 15.26 -2.89 -20.61
N SER B 194 14.12 -3.52 -20.84
CA SER B 194 12.94 -2.79 -21.26
C SER B 194 12.39 -1.95 -20.11
N HIS B 195 11.53 -1.00 -20.46
CA HIS B 195 10.95 -0.08 -19.49
C HIS B 195 9.53 -0.54 -19.14
N ILE B 196 9.26 -0.70 -17.85
CA ILE B 196 7.98 -1.23 -17.39
C ILE B 196 7.03 -0.09 -17.06
N HIS B 197 7.44 0.77 -16.13
CA HIS B 197 6.58 1.89 -15.73
C HIS B 197 7.44 2.99 -15.14
N THR B 198 6.85 4.17 -14.99
CA THR B 198 7.56 5.31 -14.42
C THR B 198 6.56 6.32 -13.89
N PHE B 199 6.61 6.58 -12.59
CA PHE B 199 5.87 7.70 -12.01
C PHE B 199 6.66 8.98 -12.20
N LEU B 200 6.04 9.95 -12.85
CA LEU B 200 6.67 11.21 -13.20
C LEU B 200 6.20 12.32 -12.27
N ASP B 201 6.98 13.41 -12.25
CA ASP B 201 6.53 14.70 -11.72
C ASP B 201 6.44 14.69 -10.19
N VAL B 202 6.66 13.52 -9.58
CA VAL B 202 6.45 13.38 -8.14
C VAL B 202 7.33 14.34 -7.38
N SER B 203 6.74 15.07 -6.43
CA SER B 203 7.45 15.99 -5.57
C SER B 203 7.51 15.37 -4.17
N PHE B 204 8.70 14.89 -3.80
CA PHE B 204 8.85 14.20 -2.53
C PHE B 204 8.75 15.19 -1.37
N SER B 205 8.57 14.64 -0.17
CA SER B 205 8.46 15.44 1.05
C SER B 205 9.54 15.12 2.07
N GLU B 206 9.77 13.85 2.36
CA GLU B 206 10.82 13.43 3.30
C GLU B 206 11.59 12.26 2.69
N ALA B 207 12.40 11.60 3.51
CA ALA B 207 13.23 10.51 3.03
C ALA B 207 12.38 9.33 2.57
N LEU B 208 12.93 8.55 1.65
CA LEU B 208 12.22 7.45 1.02
C LEU B 208 12.81 6.12 1.47
N TYR B 209 11.96 5.09 1.46
CA TYR B 209 12.31 3.79 2.00
C TYR B 209 11.91 2.69 1.03
N PRO B 210 12.77 1.71 0.78
CA PRO B 210 12.35 0.53 0.00
C PRO B 210 11.25 -0.23 0.71
N VAL B 211 10.34 -0.83 -0.07
CA VAL B 211 9.22 -1.57 0.50
C VAL B 211 8.97 -2.83 -0.31
N PHE B 212 8.55 -3.89 0.38
CA PHE B 212 8.21 -5.15 -0.26
C PHE B 212 7.01 -5.75 0.44
N ARG B 213 6.05 -6.26 -0.33
CA ARG B 213 4.94 -7.00 0.27
C ARG B 213 4.56 -8.19 -0.60
N ILE B 214 4.12 -9.27 0.05
CA ILE B 214 3.72 -10.51 -0.61
C ILE B 214 2.54 -11.09 0.16
N LEU B 215 1.36 -11.09 -0.46
CA LEU B 215 0.14 -11.61 0.17
C LEU B 215 -0.08 -13.08 -0.18
N THR B 216 0.95 -13.91 -0.08
CA THR B 216 0.83 -15.32 -0.45
C THR B 216 2.07 -16.06 0.01
N LEU B 217 1.99 -17.39 -0.03
CA LEU B 217 3.08 -18.28 0.36
C LEU B 217 3.51 -19.10 -0.85
N GLU B 218 4.77 -18.99 -1.22
CA GLU B 218 5.34 -19.71 -2.35
C GLU B 218 6.73 -20.21 -1.97
N PRO B 219 7.21 -21.26 -2.64
CA PRO B 219 8.57 -21.77 -2.34
C PRO B 219 9.67 -20.77 -2.63
N THR B 220 9.44 -19.76 -3.46
CA THR B 220 10.45 -18.76 -3.79
C THR B 220 10.04 -17.41 -3.22
N ALA B 221 10.96 -16.78 -2.50
CA ALA B 221 10.71 -15.50 -1.85
C ALA B 221 11.14 -14.35 -2.75
N LEU B 222 11.19 -13.14 -2.18
CA LEU B 222 11.66 -11.95 -2.88
C LEU B 222 13.14 -11.76 -2.55
N THR B 223 14.00 -12.21 -3.47
CA THR B 223 15.43 -12.02 -3.30
C THR B 223 15.84 -10.62 -3.79
N ILE B 224 16.84 -10.06 -3.13
CA ILE B 224 17.34 -8.73 -3.44
C ILE B 224 18.79 -8.86 -3.89
N CYS B 225 19.07 -8.42 -5.11
CA CYS B 225 20.42 -8.47 -5.63
C CYS B 225 21.29 -7.40 -4.98
N PRO B 226 22.59 -7.63 -4.86
CA PRO B 226 23.47 -6.63 -4.23
C PRO B 226 23.61 -5.37 -5.09
N ALA B 227 24.39 -4.41 -4.60
CA ALA B 227 24.63 -3.17 -5.31
C ALA B 227 25.38 -3.43 -6.62
N TRP C 1 33.43 50.17 54.57
CA TRP C 1 34.70 50.03 55.27
C TRP C 1 34.97 48.58 55.66
N ILE C 2 35.95 48.38 56.54
CA ILE C 2 36.28 47.03 57.00
C ILE C 2 35.10 46.41 57.75
N ASN C 3 34.46 47.19 58.61
CA ASN C 3 33.31 46.69 59.36
C ASN C 3 32.17 46.31 58.42
N LYS C 4 31.89 47.19 57.45
CA LYS C 4 30.83 46.90 56.50
C LYS C 4 31.13 45.59 55.78
N LEU C 5 32.40 45.37 55.46
CA LEU C 5 32.80 44.16 54.73
C LEU C 5 32.69 42.91 55.60
N GLN C 6 33.03 43.00 56.88
CA GLN C 6 32.88 41.81 57.72
C GLN C 6 31.41 41.46 57.92
N LYS C 7 30.54 42.46 58.13
CA LYS C 7 29.12 42.13 58.19
C LYS C 7 28.63 41.57 56.85
N GLU C 8 29.17 42.09 55.72
CA GLU C 8 28.80 41.55 54.42
C GLU C 8 29.17 40.07 54.30
N LYS C 9 30.37 39.71 54.74
CA LYS C 9 30.77 38.31 54.74
C LYS C 9 29.84 37.49 55.61
N LYS C 10 29.50 38.01 56.79
CA LYS C 10 28.62 37.29 57.70
C LYS C 10 27.26 37.03 57.08
N ILE C 11 26.67 38.02 56.41
CA ILE C 11 25.32 37.82 55.87
C ILE C 11 25.37 36.95 54.62
N LEU C 12 26.27 37.25 53.69
CA LEU C 12 26.30 36.53 52.43
C LEU C 12 26.84 35.12 52.56
N SER C 13 27.54 34.81 53.65
CA SER C 13 27.87 33.41 53.92
C SER C 13 26.68 32.69 54.53
N GLY C 14 25.64 33.43 54.92
CA GLY C 14 24.46 32.86 55.52
C GLY C 14 23.40 32.46 54.51
N GLU C 15 23.78 32.44 53.23
CA GLU C 15 22.87 32.00 52.18
C GLU C 15 23.12 30.58 51.68
N LYS C 16 24.19 29.92 52.11
CA LYS C 16 24.52 28.60 51.58
C LYS C 16 23.53 27.53 52.06
N GLU C 17 23.14 27.61 53.34
CA GLU C 17 22.35 26.55 53.93
C GLU C 17 20.98 26.41 53.26
N PHE C 18 20.35 27.54 52.94
CA PHE C 18 19.06 27.50 52.26
C PHE C 18 19.19 26.87 50.87
N GLU C 19 20.25 27.21 50.14
CA GLU C 19 20.53 26.55 48.87
C GLU C 19 20.73 25.05 49.06
N ARG C 20 21.38 24.65 50.15
CA ARG C 20 21.60 23.22 50.39
C ARG C 20 20.28 22.47 50.57
N GLU C 21 19.38 23.00 51.39
CA GLU C 21 18.11 22.31 51.59
C GLU C 21 17.24 22.34 50.34
N THR C 22 17.28 23.43 49.57
CA THR C 22 16.56 23.43 48.29
C THR C 22 17.11 22.36 47.34
N ARG C 23 18.44 22.23 47.27
CA ARG C 23 19.03 21.17 46.46
C ARG C 23 18.56 19.81 46.93
N GLU C 24 18.55 19.59 48.24
CA GLU C 24 18.14 18.29 48.77
C GLU C 24 16.70 17.97 48.44
N ILE C 25 15.79 18.94 48.62
CA ILE C 25 14.38 18.65 48.38
C ILE C 25 14.10 18.53 46.89
N ALA C 26 14.96 19.12 46.06
CA ALA C 26 14.87 18.85 44.63
C ALA C 26 15.29 17.43 44.28
N LEU C 27 16.44 16.99 44.80
CA LEU C 27 16.97 15.68 44.43
C LEU C 27 16.08 14.55 44.94
N LYS C 28 15.57 14.66 46.17
CA LYS C 28 14.73 13.59 46.68
C LYS C 28 13.43 13.47 45.89
N GLU C 29 12.80 14.60 45.57
CA GLU C 29 11.62 14.55 44.71
C GLU C 29 11.96 13.95 43.36
N LEU C 30 13.11 14.31 42.79
CA LEU C 30 13.52 13.71 41.54
C LEU C 30 13.59 12.20 41.64
N GLU C 31 14.28 11.67 42.66
CA GLU C 31 14.51 10.22 42.68
C GLU C 31 13.22 9.45 42.93
N LYS C 32 12.39 9.88 43.89
CA LYS C 32 11.19 9.09 44.09
C LYS C 32 10.19 9.29 42.96
N GLU C 33 10.24 10.43 42.26
CA GLU C 33 9.44 10.56 41.05
C GLU C 33 9.92 9.61 39.97
N ARG C 34 11.23 9.43 39.83
CA ARG C 34 11.74 8.46 38.86
C ARG C 34 11.24 7.06 39.17
N VAL C 35 11.31 6.64 40.43
CA VAL C 35 10.92 5.26 40.72
C VAL C 35 9.40 5.09 40.57
N GLN C 36 8.61 6.09 40.96
CA GLN C 36 7.17 5.98 40.79
C GLN C 36 6.78 5.94 39.32
N LYS C 37 7.45 6.76 38.50
CA LYS C 37 7.23 6.69 37.06
C LYS C 37 7.62 5.34 36.50
N GLU C 38 8.70 4.74 37.02
CA GLU C 38 9.10 3.42 36.56
C GLU C 38 8.04 2.37 36.87
N GLU C 39 7.46 2.41 38.08
CA GLU C 39 6.40 1.47 38.42
C GLU C 39 5.18 1.65 37.52
N GLU C 40 4.79 2.91 37.28
CA GLU C 40 3.66 3.17 36.40
C GLU C 40 3.94 2.66 34.99
N LEU C 41 5.16 2.86 34.50
CA LEU C 41 5.53 2.36 33.17
C LEU C 41 5.45 0.84 33.13
N GLN C 42 5.96 0.17 34.16
CA GLN C 42 5.95 -1.29 34.18
C GLN C 42 4.52 -1.83 34.09
N VAL C 43 3.63 -1.31 34.94
CA VAL C 43 2.25 -1.76 34.87
C VAL C 43 1.58 -1.37 33.56
N LYS C 44 1.96 -0.23 32.97
CA LYS C 44 1.39 0.19 31.70
C LYS C 44 1.74 -0.78 30.58
N GLU C 45 3.01 -1.19 30.49
CA GLU C 45 3.36 -2.16 29.45
C GLU C 45 2.84 -3.55 29.77
N LYS C 46 2.61 -3.88 31.04
CA LYS C 46 1.89 -5.12 31.32
C LYS C 46 0.49 -5.09 30.71
N LEU C 47 -0.22 -3.97 30.89
CA LEU C 47 -1.53 -3.79 30.26
C LEU C 47 -1.45 -3.81 28.73
N GLN C 48 -0.42 -3.17 28.16
CA GLN C 48 -0.17 -3.22 26.72
C GLN C 48 -0.05 -4.66 26.22
N GLU C 49 0.78 -5.46 26.90
CA GLU C 49 0.96 -6.85 26.48
C GLU C 49 -0.35 -7.62 26.58
N GLU C 50 -1.09 -7.44 27.67
CA GLU C 50 -2.35 -8.15 27.81
C GLU C 50 -3.33 -7.77 26.71
N LEU C 51 -3.39 -6.48 26.35
CA LEU C 51 -4.32 -6.05 25.31
C LEU C 51 -3.90 -6.57 23.93
N ARG C 52 -2.59 -6.54 23.64
CA ARG C 52 -2.11 -7.08 22.38
C ARG C 52 -2.45 -8.57 22.28
N TRP C 53 -2.38 -9.29 23.40
CA TRP C 53 -2.87 -10.66 23.41
C TRP C 53 -4.38 -10.74 23.18
N ARG C 54 -5.16 -9.90 23.87
CA ARG C 54 -6.61 -9.87 23.73
C ARG C 54 -7.07 -8.81 22.74
N ARG C 55 -6.49 -8.79 21.55
CA ARG C 55 -7.02 -8.01 20.45
C ARG C 55 -7.08 -8.75 19.14
N THR C 56 -6.67 -10.02 19.09
CA THR C 56 -6.78 -10.85 17.90
C THR C 56 -7.95 -11.82 18.00
N PHE C 57 -9.04 -11.42 18.66
CA PHE C 57 -10.16 -12.30 18.94
C PHE C 57 -11.39 -11.85 18.17
N LEU C 58 -12.18 -12.81 17.70
CA LEU C 58 -13.46 -12.53 17.05
C LEU C 58 -14.55 -12.56 18.10
N HIS C 59 -15.35 -11.50 18.16
CA HIS C 59 -16.34 -11.34 19.21
C HIS C 59 -17.74 -11.51 18.62
N ALA C 60 -18.50 -12.46 19.17
CA ALA C 60 -19.89 -12.65 18.79
C ALA C 60 -20.72 -11.58 19.50
N VAL C 61 -21.21 -10.61 18.74
CA VAL C 61 -21.88 -9.43 19.30
C VAL C 61 -23.36 -9.73 19.46
N ASP C 62 -23.88 -9.47 20.66
CA ASP C 62 -25.31 -9.55 20.93
C ASP C 62 -25.92 -8.21 20.57
N VAL C 63 -26.41 -8.10 19.33
CA VAL C 63 -26.92 -6.83 18.84
C VAL C 63 -28.30 -6.58 19.44
N VAL C 64 -28.47 -5.39 20.03
CA VAL C 64 -29.75 -4.91 20.51
C VAL C 64 -30.03 -3.58 19.84
N LEU C 65 -31.23 -3.41 19.32
CA LEU C 65 -31.57 -2.22 18.56
C LEU C 65 -32.05 -1.09 19.48
N ASP C 66 -32.31 0.05 18.86
CA ASP C 66 -32.87 1.22 19.55
C ASP C 66 -34.19 1.58 18.87
N PRO C 67 -35.33 1.44 19.53
CA PRO C 67 -36.61 1.72 18.87
C PRO C 67 -36.91 3.19 18.68
N ASP C 68 -36.06 4.07 19.21
CA ASP C 68 -36.21 5.50 18.93
C ASP C 68 -35.71 5.82 17.52
N THR C 69 -34.62 5.17 17.10
CA THR C 69 -33.94 5.48 15.84
C THR C 69 -34.48 4.65 14.68
N ALA C 70 -35.73 4.23 14.74
CA ALA C 70 -36.36 3.50 13.64
C ALA C 70 -37.44 4.36 13.00
N HIS C 71 -37.82 3.98 11.78
CA HIS C 71 -38.95 4.62 11.14
C HIS C 71 -40.21 4.41 11.98
N PRO C 72 -41.04 5.44 12.16
CA PRO C 72 -42.28 5.24 12.92
C PRO C 72 -43.19 4.17 12.35
N ASP C 73 -43.07 3.86 11.06
CA ASP C 73 -43.89 2.80 10.47
C ASP C 73 -43.50 1.43 11.02
N LEU C 74 -42.24 1.25 11.40
CA LEU C 74 -41.74 -0.05 11.81
C LEU C 74 -42.34 -0.48 13.14
N PHE C 75 -42.24 -1.77 13.42
CA PHE C 75 -42.67 -2.36 14.69
C PHE C 75 -41.51 -3.19 15.22
N LEU C 76 -41.25 -3.07 16.52
CA LEU C 76 -40.14 -3.74 17.16
C LEU C 76 -40.65 -4.66 18.27
N SER C 77 -40.08 -5.85 18.35
CA SER C 77 -40.42 -6.77 19.43
C SER C 77 -39.95 -6.21 20.76
N GLU C 78 -40.69 -6.54 21.82
CA GLU C 78 -40.36 -6.02 23.15
C GLU C 78 -38.99 -6.48 23.60
N ASP C 79 -38.57 -7.67 23.18
CA ASP C 79 -37.21 -8.13 23.47
C ASP C 79 -36.15 -7.33 22.73
N ARG C 80 -36.55 -6.52 21.74
CA ARG C 80 -35.64 -5.65 21.00
C ARG C 80 -34.57 -6.44 20.26
N ARG C 81 -34.97 -7.59 19.70
CA ARG C 81 -34.04 -8.40 18.91
C ARG C 81 -34.69 -8.95 17.65
N SER C 82 -35.82 -8.39 17.23
CA SER C 82 -36.46 -8.77 15.98
C SER C 82 -37.45 -7.66 15.61
N VAL C 83 -37.52 -7.35 14.32
CA VAL C 83 -38.32 -6.21 13.86
C VAL C 83 -39.10 -6.59 12.61
N ARG C 84 -40.13 -5.80 12.32
CA ARG C 84 -40.92 -5.96 11.11
C ARG C 84 -41.51 -4.61 10.74
N ARG C 85 -42.29 -4.59 9.66
CA ARG C 85 -42.95 -3.37 9.22
C ARG C 85 -44.45 -3.64 9.16
N CYS C 86 -45.17 -3.13 10.13
CA CYS C 86 -46.62 -3.25 10.25
C CYS C 86 -47.31 -2.23 9.35
N PRO C 87 -48.54 -2.51 8.91
CA PRO C 87 -49.25 -1.57 8.01
C PRO C 87 -49.70 -0.29 8.71
N PHE C 88 -48.72 0.55 9.04
CA PHE C 88 -48.97 1.88 9.61
C PHE C 88 -49.76 1.80 10.91
N ARG C 89 -49.14 1.19 11.93
CA ARG C 89 -49.78 1.06 13.23
C ARG C 89 -50.06 2.41 13.89
N HIS C 90 -49.37 3.46 13.45
CA HIS C 90 -49.55 4.80 14.02
C HIS C 90 -50.49 5.66 13.17
N LEU C 91 -51.47 5.03 12.52
CA LEU C 91 -52.47 5.76 11.75
C LEU C 91 -53.39 6.50 12.72
N GLY C 92 -53.22 7.81 12.80
CA GLY C 92 -53.95 8.61 13.76
C GLY C 92 -53.25 8.88 15.07
N GLU C 93 -51.99 8.49 15.19
CA GLU C 93 -51.22 8.70 16.41
C GLU C 93 -50.03 9.60 16.12
N SER C 94 -49.69 10.43 17.09
CA SER C 94 -48.59 11.38 16.97
C SER C 94 -47.38 10.86 17.72
N VAL C 95 -46.26 10.72 17.00
CA VAL C 95 -45.01 10.25 17.57
C VAL C 95 -43.96 11.32 17.33
N PRO C 96 -43.76 12.24 18.28
CA PRO C 96 -42.63 13.16 18.20
C PRO C 96 -41.34 12.44 17.85
N ASP C 97 -40.65 12.95 16.83
CA ASP C 97 -39.44 12.32 16.31
C ASP C 97 -38.22 13.10 16.78
N ASN C 98 -37.26 12.38 17.37
CA ASN C 98 -36.05 12.99 17.84
C ASN C 98 -35.16 13.38 16.65
N PRO C 99 -34.18 14.25 16.86
CA PRO C 99 -33.32 14.66 15.74
C PRO C 99 -32.52 13.52 15.11
N GLU C 100 -32.32 12.41 15.82
CA GLU C 100 -31.49 11.31 15.32
C GLU C 100 -32.31 10.12 14.84
N ARG C 101 -33.44 10.38 14.19
CA ARG C 101 -34.31 9.33 13.67
C ARG C 101 -34.45 9.46 12.16
N PHE C 102 -34.41 8.33 11.46
CA PHE C 102 -34.66 8.33 10.03
C PHE C 102 -36.11 8.71 9.75
N ASP C 103 -36.33 9.32 8.60
CA ASP C 103 -37.66 9.84 8.26
C ASP C 103 -38.27 9.22 7.02
N SER C 104 -37.48 9.02 5.96
CA SER C 104 -37.98 8.42 4.74
C SER C 104 -37.41 7.05 4.44
N GLN C 105 -36.41 6.61 5.20
CA GLN C 105 -35.80 5.30 5.00
C GLN C 105 -36.23 4.37 6.11
N PRO C 106 -36.96 3.29 5.81
CA PRO C 106 -37.44 2.40 6.87
C PRO C 106 -36.35 1.54 7.47
N CYS C 107 -35.48 2.13 8.28
CA CYS C 107 -34.31 1.43 8.79
C CYS C 107 -34.26 1.51 10.31
N VAL C 108 -33.40 0.67 10.87
CA VAL C 108 -33.16 0.62 12.31
C VAL C 108 -31.66 0.36 12.52
N LEU C 109 -31.11 0.99 13.56
CA LEU C 109 -29.69 0.96 13.83
C LEU C 109 -29.41 0.19 15.11
N GLY C 110 -28.43 -0.72 15.05
CA GLY C 110 -27.97 -1.39 16.26
C GLY C 110 -27.34 -0.38 17.20
N ARG C 111 -27.77 -0.39 18.46
CA ARG C 111 -27.34 0.63 19.41
C ARG C 111 -25.87 0.50 19.80
N GLU C 112 -25.27 -0.67 19.62
CA GLU C 112 -23.88 -0.87 20.01
C GLU C 112 -22.96 -0.33 18.92
N SER C 113 -21.95 0.43 19.35
CA SER C 113 -21.00 1.06 18.44
C SER C 113 -19.62 0.44 18.64
N PHE C 114 -19.02 -0.05 17.56
CA PHE C 114 -17.70 -0.65 17.58
C PHE C 114 -16.66 0.33 17.08
N ALA C 115 -15.47 0.27 17.65
CA ALA C 115 -14.37 1.13 17.23
C ALA C 115 -13.06 0.37 17.01
N SER C 116 -13.06 -0.94 17.17
CA SER C 116 -11.88 -1.77 16.94
C SER C 116 -12.32 -3.23 16.97
N GLY C 117 -11.36 -4.12 16.75
CA GLY C 117 -11.61 -5.54 16.91
C GLY C 117 -12.44 -6.12 15.78
N LYS C 118 -12.58 -7.44 15.81
CA LYS C 118 -13.35 -8.18 14.83
C LYS C 118 -14.67 -8.61 15.47
N HIS C 119 -15.78 -8.29 14.81
CA HIS C 119 -17.10 -8.58 15.32
C HIS C 119 -17.94 -9.20 14.21
N TYR C 120 -19.05 -9.83 14.59
CA TYR C 120 -19.97 -10.34 13.59
C TYR C 120 -21.31 -10.65 14.24
N TRP C 121 -22.38 -10.42 13.49
CA TRP C 121 -23.73 -10.69 13.96
C TRP C 121 -24.55 -11.37 12.87
N GLU C 122 -25.38 -12.32 13.27
CA GLU C 122 -26.21 -13.08 12.36
C GLU C 122 -27.61 -12.49 12.29
N VAL C 123 -28.23 -12.60 11.11
CA VAL C 123 -29.60 -12.16 10.89
C VAL C 123 -30.36 -13.28 10.21
N GLU C 124 -31.54 -13.60 10.74
CA GLU C 124 -32.43 -14.56 10.10
C GLU C 124 -33.54 -13.81 9.38
N VAL C 125 -33.53 -13.88 8.05
CA VAL C 125 -34.41 -13.08 7.21
C VAL C 125 -35.33 -13.97 6.39
N GLU C 126 -35.72 -15.11 6.95
CA GLU C 126 -36.60 -16.04 6.25
C GLU C 126 -37.91 -15.37 5.87
N ASN C 127 -38.37 -15.65 4.65
CA ASN C 127 -39.70 -15.23 4.19
C ASN C 127 -39.86 -13.71 4.21
N VAL C 128 -39.01 -13.01 3.46
CA VAL C 128 -39.10 -11.57 3.27
C VAL C 128 -38.97 -11.31 1.78
N ILE C 129 -39.48 -10.17 1.30
CA ILE C 129 -39.34 -9.81 -0.10
C ILE C 129 -38.32 -8.71 -0.34
N GLU C 130 -38.02 -7.89 0.68
CA GLU C 130 -37.10 -6.75 0.52
C GLU C 130 -36.36 -6.57 1.84
N TRP C 131 -35.10 -6.99 1.90
CA TRP C 131 -34.29 -6.79 3.08
C TRP C 131 -32.90 -6.31 2.68
N THR C 132 -32.40 -5.34 3.44
CA THR C 132 -31.03 -4.86 3.29
C THR C 132 -30.37 -4.90 4.66
N VAL C 133 -29.19 -5.50 4.75
CA VAL C 133 -28.49 -5.61 6.03
C VAL C 133 -27.04 -5.17 5.85
N GLY C 134 -26.49 -4.53 6.86
CA GLY C 134 -25.09 -4.18 6.79
C GLY C 134 -24.67 -3.25 7.91
N VAL C 135 -23.69 -2.40 7.60
CA VAL C 135 -23.01 -1.55 8.55
C VAL C 135 -23.14 -0.10 8.08
N CYS C 136 -23.35 0.81 9.02
CA CYS C 136 -23.40 2.23 8.73
C CYS C 136 -22.56 2.99 9.75
N ARG C 137 -21.98 4.10 9.30
CA ARG C 137 -21.26 4.95 10.23
C ARG C 137 -22.25 5.60 11.20
N ASP C 138 -21.73 6.06 12.34
CA ASP C 138 -22.59 6.80 13.25
C ASP C 138 -22.93 8.19 12.74
N SER C 139 -22.29 8.64 11.67
CA SER C 139 -22.45 9.99 11.13
C SER C 139 -23.07 9.97 9.74
N VAL C 140 -24.07 9.13 9.53
CA VAL C 140 -24.82 9.14 8.28
C VAL C 140 -25.99 10.10 8.38
N GLU C 141 -26.52 10.48 7.23
CA GLU C 141 -27.63 11.41 7.16
C GLU C 141 -28.88 10.81 7.80
N ARG C 142 -29.71 11.69 8.36
CA ARG C 142 -30.98 11.28 8.92
C ARG C 142 -32.15 12.10 8.38
N LYS C 143 -31.95 13.40 8.14
CA LYS C 143 -33.02 14.31 7.74
C LYS C 143 -33.18 14.28 6.22
N GLY C 144 -34.01 13.38 5.74
CA GLY C 144 -34.30 13.26 4.33
C GLY C 144 -34.10 11.84 3.82
N GLU C 145 -33.92 11.74 2.51
CA GLU C 145 -33.71 10.46 1.83
C GLU C 145 -32.38 10.47 1.09
N VAL C 146 -31.57 9.45 1.33
CA VAL C 146 -30.27 9.30 0.69
C VAL C 146 -30.18 7.91 0.07
N LEU C 147 -29.01 7.60 -0.46
CA LEU C 147 -28.74 6.31 -1.07
C LEU C 147 -27.77 5.51 -0.20
N LEU C 148 -28.03 4.21 -0.11
CA LEU C 148 -27.23 3.30 0.71
C LEU C 148 -26.01 2.88 -0.11
N ILE C 149 -24.92 3.61 0.05
CA ILE C 149 -23.72 3.41 -0.75
C ILE C 149 -22.49 3.50 0.15
N PRO C 150 -21.35 2.90 -0.23
CA PRO C 150 -20.14 3.03 0.60
C PRO C 150 -19.64 4.45 0.71
N GLN C 151 -19.97 5.34 -0.24
CA GLN C 151 -19.54 6.72 -0.14
C GLN C 151 -20.23 7.43 1.02
N ASN C 152 -21.55 7.28 1.12
CA ASN C 152 -22.31 7.91 2.20
C ASN C 152 -22.10 7.21 3.53
N GLY C 153 -21.43 6.07 3.57
CA GLY C 153 -21.26 5.34 4.80
C GLY C 153 -22.33 4.28 4.99
N PHE C 154 -22.48 3.39 4.00
CA PHE C 154 -23.50 2.34 4.02
C PHE C 154 -22.92 1.13 3.28
N TRP C 155 -22.37 0.18 4.04
CA TRP C 155 -21.93 -1.08 3.47
C TRP C 155 -23.08 -2.08 3.62
N THR C 156 -23.78 -2.38 2.54
CA THR C 156 -25.03 -3.12 2.63
C THR C 156 -25.08 -4.24 1.60
N LEU C 157 -25.74 -5.33 2.00
CA LEU C 157 -26.14 -6.40 1.10
C LEU C 157 -27.66 -6.36 0.98
N GLU C 158 -28.16 -6.44 -0.25
CA GLU C 158 -29.56 -6.15 -0.52
C GLU C 158 -30.21 -7.31 -1.28
N MET C 159 -31.51 -7.48 -1.04
CA MET C 159 -32.32 -8.36 -1.87
C MET C 159 -33.47 -7.55 -2.45
N HIS C 160 -33.35 -7.19 -3.72
CA HIS C 160 -34.34 -6.34 -4.37
C HIS C 160 -35.08 -7.11 -5.45
N LYS C 161 -36.40 -7.14 -5.35
CA LYS C 161 -37.30 -7.80 -6.30
C LYS C 161 -36.86 -9.24 -6.63
N GLY C 162 -36.17 -9.89 -5.71
CA GLY C 162 -35.77 -11.27 -5.87
C GLY C 162 -34.33 -11.48 -6.28
N GLN C 163 -33.56 -10.41 -6.47
CA GLN C 163 -32.17 -10.51 -6.88
C GLN C 163 -31.28 -10.10 -5.73
N TYR C 164 -30.19 -10.84 -5.53
CA TYR C 164 -29.22 -10.59 -4.48
C TYR C 164 -28.14 -9.66 -5.04
N ARG C 165 -27.88 -8.56 -4.33
CA ARG C 165 -26.95 -7.56 -4.83
C ARG C 165 -26.07 -7.04 -3.71
N ALA C 166 -24.96 -6.45 -4.14
CA ALA C 166 -23.92 -5.83 -3.34
C ALA C 166 -24.36 -4.45 -2.88
N VAL C 167 -23.40 -3.55 -2.68
CA VAL C 167 -23.54 -2.26 -2.00
C VAL C 167 -24.66 -1.40 -2.58
N SER C 168 -25.46 -1.97 -3.48
CA SER C 168 -26.63 -1.37 -4.13
C SER C 168 -26.27 -0.54 -5.35
N SER C 169 -25.09 -0.76 -5.93
CA SER C 169 -24.87 -0.39 -7.32
C SER C 169 -25.40 -1.53 -8.17
N PRO C 170 -26.42 -1.31 -8.99
CA PRO C 170 -27.09 -2.44 -9.67
C PRO C 170 -26.21 -3.17 -10.67
N ASP C 171 -24.93 -2.79 -10.77
CA ASP C 171 -24.02 -3.38 -11.73
C ASP C 171 -23.20 -4.54 -11.18
N ARG C 172 -23.51 -5.02 -9.98
CA ARG C 172 -22.71 -6.09 -9.38
C ARG C 172 -23.58 -7.20 -8.79
N ILE C 173 -24.53 -7.71 -9.56
CA ILE C 173 -25.37 -8.80 -9.09
C ILE C 173 -24.54 -10.07 -8.96
N LEU C 174 -24.61 -10.70 -7.78
CA LEU C 174 -23.78 -11.86 -7.48
C LEU C 174 -24.41 -13.14 -8.03
N PRO C 175 -23.60 -14.16 -8.30
CA PRO C 175 -24.12 -15.48 -8.73
C PRO C 175 -24.47 -16.37 -7.54
N LEU C 176 -25.63 -16.10 -6.93
CA LEU C 176 -26.07 -16.82 -5.75
C LEU C 176 -27.14 -17.84 -6.13
N LYS C 177 -26.90 -19.10 -5.74
CA LYS C 177 -27.76 -20.19 -6.18
C LYS C 177 -29.19 -20.03 -5.66
N GLU C 178 -29.34 -19.84 -4.36
CA GLU C 178 -30.64 -19.91 -3.71
C GLU C 178 -30.80 -18.77 -2.72
N SER C 179 -32.01 -18.66 -2.17
CA SER C 179 -32.31 -17.63 -1.19
C SER C 179 -31.43 -17.80 0.05
N LEU C 180 -31.43 -16.78 0.89
CA LEU C 180 -30.61 -16.76 2.10
C LEU C 180 -31.48 -17.07 3.30
N CYS C 181 -31.08 -18.10 4.06
CA CYS C 181 -31.75 -18.40 5.32
C CYS C 181 -31.22 -17.52 6.44
N ARG C 182 -29.93 -17.64 6.73
CA ARG C 182 -29.27 -16.86 7.78
C ARG C 182 -28.03 -16.21 7.18
N VAL C 183 -27.92 -14.90 7.34
CA VAL C 183 -26.83 -14.12 6.75
C VAL C 183 -26.03 -13.48 7.87
N GLY C 184 -24.72 -13.65 7.84
CA GLY C 184 -23.85 -13.11 8.86
C GLY C 184 -23.10 -11.90 8.34
N VAL C 185 -23.09 -10.84 9.13
CA VAL C 185 -22.33 -9.62 8.83
C VAL C 185 -21.09 -9.63 9.70
N PHE C 186 -19.92 -9.65 9.07
CA PHE C 186 -18.63 -9.66 9.76
C PHE C 186 -17.91 -8.35 9.49
N LEU C 187 -17.23 -7.85 10.52
CA LEU C 187 -16.66 -6.51 10.50
C LEU C 187 -15.29 -6.52 11.13
N ASP C 188 -14.31 -5.95 10.42
CA ASP C 188 -12.93 -5.81 10.89
C ASP C 188 -12.56 -4.35 10.71
N TYR C 189 -12.39 -3.64 11.82
CA TYR C 189 -12.22 -2.19 11.78
C TYR C 189 -10.83 -1.78 11.31
N GLU C 190 -9.79 -2.45 11.79
CA GLU C 190 -8.42 -2.12 11.40
C GLU C 190 -8.07 -2.60 10.00
N ALA C 191 -9.05 -3.08 9.24
CA ALA C 191 -8.81 -3.53 7.88
C ALA C 191 -9.89 -3.09 6.91
N GLY C 192 -10.84 -2.29 7.33
CA GLY C 192 -11.94 -1.89 6.47
C GLY C 192 -12.74 -3.05 5.92
N ASP C 193 -12.80 -4.17 6.64
CA ASP C 193 -13.43 -5.39 6.13
C ASP C 193 -14.89 -5.42 6.54
N VAL C 194 -15.78 -5.38 5.56
CA VAL C 194 -17.20 -5.63 5.77
C VAL C 194 -17.55 -6.82 4.89
N SER C 195 -17.72 -7.98 5.50
CA SER C 195 -17.99 -9.21 4.79
C SER C 195 -19.41 -9.69 5.06
N PHE C 196 -20.05 -10.23 4.05
CA PHE C 196 -21.33 -10.88 4.17
C PHE C 196 -21.15 -12.37 3.90
N TYR C 197 -21.63 -13.19 4.83
CA TYR C 197 -21.41 -14.62 4.86
C TYR C 197 -22.72 -15.37 4.81
N ASN C 198 -22.71 -16.51 4.12
CA ASN C 198 -23.86 -17.43 4.10
C ASN C 198 -23.76 -18.32 5.32
N MET C 199 -24.64 -18.09 6.30
CA MET C 199 -24.53 -18.78 7.57
C MET C 199 -25.17 -20.16 7.57
N ARG C 200 -25.83 -20.55 6.48
CA ARG C 200 -26.26 -21.94 6.34
C ARG C 200 -25.07 -22.87 6.33
N ASP C 201 -23.92 -22.42 5.83
CA ASP C 201 -22.71 -23.22 5.76
C ASP C 201 -21.47 -22.45 6.16
N ARG C 202 -21.62 -21.22 6.66
CA ARG C 202 -20.48 -20.37 7.00
C ARG C 202 -19.56 -20.19 5.79
N SER C 203 -20.16 -19.81 4.66
CA SER C 203 -19.45 -19.69 3.40
C SER C 203 -19.39 -18.24 2.96
N HIS C 204 -18.26 -17.87 2.35
CA HIS C 204 -18.07 -16.50 1.88
C HIS C 204 -19.09 -16.17 0.81
N ILE C 205 -19.68 -14.99 0.92
CA ILE C 205 -20.66 -14.50 -0.05
C ILE C 205 -20.19 -13.22 -0.72
N TYR C 206 -19.75 -12.24 0.07
CA TYR C 206 -19.31 -10.99 -0.51
C TYR C 206 -18.35 -10.27 0.43
N THR C 207 -17.42 -9.51 -0.15
CA THR C 207 -16.55 -8.62 0.61
C THR C 207 -16.67 -7.23 0.02
N CYS C 208 -17.00 -6.26 0.86
CA CYS C 208 -17.11 -4.89 0.40
C CYS C 208 -15.71 -4.33 0.10
N PRO C 209 -15.61 -3.42 -0.86
CA PRO C 209 -14.32 -2.76 -1.12
C PRO C 209 -13.84 -2.04 0.13
N ARG C 210 -12.54 -2.11 0.37
CA ARG C 210 -11.98 -1.56 1.60
C ARG C 210 -12.18 -0.05 1.67
N SER C 211 -12.59 0.42 2.84
CA SER C 211 -12.85 1.85 3.04
C SER C 211 -12.68 2.17 4.51
N ALA C 212 -11.64 2.92 4.85
CA ALA C 212 -11.39 3.27 6.24
C ALA C 212 -12.54 4.07 6.81
N PHE C 213 -12.99 3.67 8.01
CA PHE C 213 -14.15 4.32 8.62
C PHE C 213 -13.74 5.56 9.39
N SER C 214 -12.77 5.41 10.30
CA SER C 214 -12.24 6.46 11.16
C SER C 214 -13.29 7.02 12.11
N VAL C 215 -14.50 6.47 12.05
CA VAL C 215 -15.56 6.81 13.00
C VAL C 215 -16.20 5.50 13.45
N PRO C 216 -16.78 5.44 14.65
CA PRO C 216 -17.40 4.19 15.10
C PRO C 216 -18.51 3.74 14.16
N VAL C 217 -18.59 2.43 13.96
CA VAL C 217 -19.53 1.82 13.03
C VAL C 217 -20.59 1.06 13.81
N ARG C 218 -21.81 1.01 13.26
CA ARG C 218 -22.94 0.39 13.94
C ARG C 218 -23.77 -0.41 12.95
N PRO C 219 -24.44 -1.46 13.42
CA PRO C 219 -25.27 -2.27 12.52
C PRO C 219 -26.47 -1.48 12.00
N PHE C 220 -26.95 -1.89 10.83
CA PHE C 220 -27.98 -1.16 10.10
C PHE C 220 -28.84 -2.15 9.33
N PHE C 221 -30.16 -2.03 9.47
CA PHE C 221 -31.09 -2.92 8.82
C PHE C 221 -32.22 -2.12 8.19
N ARG C 222 -32.67 -2.54 7.00
CA ARG C 222 -33.80 -1.91 6.35
C ARG C 222 -34.71 -2.98 5.78
N LEU C 223 -36.02 -2.73 5.82
CA LEU C 223 -37.03 -3.68 5.42
C LEU C 223 -38.00 -3.02 4.44
N GLY C 224 -38.55 -3.84 3.54
CA GLY C 224 -39.51 -3.34 2.57
C GLY C 224 -40.82 -4.09 2.60
N CYS C 225 -40.80 -5.31 3.16
CA CYS C 225 -41.99 -6.14 3.23
C CYS C 225 -42.99 -5.58 4.23
N GLU C 226 -44.11 -6.27 4.37
CA GLU C 226 -45.12 -5.95 5.37
C GLU C 226 -45.36 -7.20 6.21
N ASP C 227 -44.96 -7.16 7.48
CA ASP C 227 -45.09 -8.28 8.41
C ASP C 227 -44.36 -9.52 7.89
N SER C 228 -43.07 -9.37 7.65
CA SER C 228 -42.20 -10.49 7.28
C SER C 228 -41.10 -10.63 8.31
N PRO C 229 -41.17 -11.62 9.21
CA PRO C 229 -40.23 -11.68 10.33
C PRO C 229 -38.77 -11.78 9.91
N ILE C 230 -37.95 -10.84 10.40
CA ILE C 230 -36.50 -10.92 10.32
C ILE C 230 -35.97 -10.99 11.74
N PHE C 231 -35.00 -11.88 11.96
CA PHE C 231 -34.57 -12.18 13.32
C PHE C 231 -33.06 -11.97 13.44
N ILE C 232 -32.67 -11.12 14.38
CA ILE C 232 -31.29 -10.96 14.77
C ILE C 232 -30.98 -12.06 15.77
N CYS C 233 -30.09 -12.98 15.39
CA CYS C 233 -29.83 -14.13 16.23
C CYS C 233 -29.02 -13.70 17.45
N PRO C 234 -29.53 -13.89 18.66
CA PRO C 234 -28.77 -13.49 19.85
C PRO C 234 -27.54 -14.38 20.03
N ALA C 235 -26.50 -13.80 20.62
CA ALA C 235 -25.29 -14.57 20.89
C ALA C 235 -25.61 -15.67 21.90
N LEU C 236 -24.82 -16.74 21.84
CA LEU C 236 -25.04 -17.87 22.74
C LEU C 236 -25.02 -17.38 24.18
N THR C 237 -26.17 -17.47 24.84
CA THR C 237 -26.34 -16.96 26.19
C THR C 237 -25.91 -17.97 27.26
N GLY C 238 -25.59 -19.19 26.87
CA GLY C 238 -25.22 -20.19 27.86
C GLY C 238 -26.42 -20.53 28.72
N ALA C 239 -26.15 -20.98 29.94
CA ALA C 239 -27.22 -21.28 30.89
C ALA C 239 -27.18 -20.30 32.06
N ASN C 240 -26.67 -19.10 31.83
CA ASN C 240 -26.73 -18.08 32.87
C ASN C 240 -28.16 -17.59 33.05
N GLY C 241 -28.48 -17.17 34.27
CA GLY C 241 -29.81 -16.67 34.58
C GLY C 241 -30.85 -17.74 34.85
N VAL C 242 -30.49 -19.02 34.76
CA VAL C 242 -31.42 -20.12 35.03
C VAL C 242 -30.72 -21.15 35.91
N THR C 243 -31.42 -21.59 36.96
CA THR C 243 -30.87 -22.55 37.89
C THR C 243 -30.80 -23.92 37.23
N VAL C 244 -29.66 -24.58 37.38
CA VAL C 244 -29.41 -25.89 36.76
C VAL C 244 -29.61 -26.96 37.81
N PRO C 245 -30.66 -27.78 37.71
CA PRO C 245 -30.79 -28.91 38.63
C PRO C 245 -29.64 -29.90 38.45
N GLU C 246 -29.32 -30.60 39.54
CA GLU C 246 -28.22 -31.55 39.51
C GLU C 246 -28.44 -32.64 38.48
N GLU C 247 -29.70 -32.90 38.11
CA GLU C 247 -29.97 -33.83 37.02
C GLU C 247 -29.38 -33.34 35.71
N GLY C 248 -29.22 -32.03 35.56
CA GLY C 248 -28.64 -31.47 34.36
C GLY C 248 -29.68 -30.85 33.45
N LEU C 249 -29.66 -29.54 33.33
CA LEU C 249 -30.65 -28.84 32.50
C LEU C 249 -30.50 -29.28 31.05
N THR C 250 -31.58 -29.84 30.50
CA THR C 250 -31.55 -30.45 29.18
C THR C 250 -32.67 -29.91 28.31
N LEU C 251 -32.33 -29.63 27.05
CA LEU C 251 -33.29 -29.18 26.04
C LEU C 251 -34.06 -27.94 26.50
N HIS C 252 -33.30 -26.96 27.00
CA HIS C 252 -33.87 -25.71 27.48
C HIS C 252 -34.46 -24.92 26.31
N ARG C 253 -35.61 -24.31 26.52
CA ARG C 253 -36.18 -23.35 25.56
C ARG C 253 -35.99 -21.92 26.04
N TRP D 1 44.50 43.70 54.34
CA TRP D 1 43.44 42.77 54.71
C TRP D 1 42.22 42.95 53.82
N ILE D 2 41.92 44.21 53.49
CA ILE D 2 40.73 44.53 52.71
C ILE D 2 40.78 43.89 51.33
N ASN D 3 41.94 43.93 50.67
CA ASN D 3 42.01 43.52 49.28
C ASN D 3 41.67 42.04 49.10
N LYS D 4 42.35 41.16 49.84
CA LYS D 4 42.08 39.74 49.68
C LYS D 4 40.68 39.36 50.15
N LEU D 5 40.19 40.02 51.21
CA LEU D 5 38.85 39.69 51.69
C LEU D 5 37.80 40.09 50.66
N GLN D 6 38.03 41.18 49.92
CA GLN D 6 37.01 41.58 48.96
C GLN D 6 37.17 40.79 47.66
N LYS D 7 38.38 40.30 47.36
CA LYS D 7 38.49 39.18 46.42
C LYS D 7 37.60 38.02 46.83
N GLU D 8 37.65 37.63 48.10
CA GLU D 8 36.84 36.50 48.57
C GLU D 8 35.35 36.80 48.44
N LYS D 9 34.95 38.03 48.75
CA LYS D 9 33.55 38.42 48.62
C LYS D 9 33.09 38.34 47.17
N LYS D 10 33.90 38.85 46.24
CA LYS D 10 33.56 38.73 44.83
C LYS D 10 33.50 37.28 44.39
N ILE D 11 34.42 36.44 44.87
CA ILE D 11 34.40 35.03 44.52
C ILE D 11 33.12 34.37 45.01
N LEU D 12 32.73 34.65 46.25
CA LEU D 12 31.51 34.06 46.80
C LEU D 12 30.28 34.51 46.03
N SER D 13 30.22 35.80 45.69
CA SER D 13 29.15 36.28 44.82
C SER D 13 29.20 35.59 43.46
N GLY D 14 30.39 35.14 43.05
CA GLY D 14 30.55 34.42 41.81
C GLY D 14 29.78 33.10 41.76
N GLU D 15 29.78 32.35 42.85
CA GLU D 15 29.05 31.08 42.88
C GLU D 15 27.62 31.24 43.38
N LYS D 16 27.31 32.34 44.09
CA LYS D 16 25.92 32.56 44.48
C LYS D 16 25.00 32.67 43.27
N GLU D 17 25.44 33.39 42.24
CA GLU D 17 24.61 33.54 41.05
C GLU D 17 24.41 32.21 40.32
N PHE D 18 25.45 31.37 40.25
CA PHE D 18 25.29 30.08 39.58
C PHE D 18 24.38 29.16 40.38
N GLU D 19 24.49 29.20 41.71
CA GLU D 19 23.57 28.44 42.55
C GLU D 19 22.14 28.89 42.32
N ARG D 20 21.92 30.21 42.23
CA ARG D 20 20.59 30.72 41.90
C ARG D 20 20.11 30.24 40.53
N GLU D 21 20.98 30.28 39.53
CA GLU D 21 20.59 29.90 38.18
C GLU D 21 20.39 28.39 38.02
N THR D 22 20.85 27.59 38.96
CA THR D 22 20.63 26.15 38.91
C THR D 22 19.26 25.73 39.45
N ARG D 23 18.41 26.67 39.81
CA ARG D 23 17.12 26.32 40.42
C ARG D 23 16.02 26.20 39.36
N GLU D 24 16.02 27.10 38.39
CA GLU D 24 14.94 27.14 37.41
C GLU D 24 14.95 25.88 36.53
N ILE D 25 16.14 25.36 36.21
CA ILE D 25 16.22 24.15 35.42
C ILE D 25 15.54 22.99 36.14
N ALA D 26 15.85 22.85 37.44
CA ALA D 26 15.25 21.77 38.22
C ALA D 26 13.74 21.93 38.34
N LEU D 27 13.27 23.14 38.61
CA LEU D 27 11.83 23.34 38.74
C LEU D 27 11.12 23.08 37.41
N LYS D 28 11.71 23.52 36.31
CA LYS D 28 11.09 23.32 35.00
C LYS D 28 11.05 21.82 34.66
N GLU D 29 12.11 21.10 34.99
CA GLU D 29 12.10 19.65 34.77
C GLU D 29 11.02 18.98 35.60
N LEU D 30 10.87 19.38 36.87
CA LEU D 30 9.84 18.77 37.71
C LEU D 30 8.45 19.03 37.14
N GLU D 31 8.18 20.26 36.70
CA GLU D 31 6.87 20.56 36.12
C GLU D 31 6.63 19.80 34.82
N LYS D 32 7.66 19.70 33.97
CA LYS D 32 7.48 18.99 32.71
C LYS D 32 7.22 17.51 32.97
N GLU D 33 7.85 16.94 34.00
CA GLU D 33 7.54 15.56 34.36
C GLU D 33 6.15 15.42 34.96
N ARG D 34 5.67 16.44 35.68
CA ARG D 34 4.26 16.46 36.07
C ARG D 34 3.36 16.33 34.85
N VAL D 35 3.66 17.10 33.79
CA VAL D 35 2.87 17.03 32.57
C VAL D 35 2.95 15.63 31.96
N GLN D 36 4.15 15.05 31.93
CA GLN D 36 4.32 13.70 31.37
C GLN D 36 3.51 12.68 32.14
N LYS D 37 3.52 12.75 33.47
CA LYS D 37 2.74 11.79 34.26
C LYS D 37 1.25 12.00 34.07
N GLU D 38 0.80 13.24 33.90
CA GLU D 38 -0.60 13.45 33.58
C GLU D 38 -0.97 12.79 32.26
N GLU D 39 -0.13 12.95 31.23
CA GLU D 39 -0.41 12.34 29.94
C GLU D 39 -0.43 10.82 30.03
N GLU D 40 0.54 10.23 30.74
CA GLU D 40 0.57 8.78 30.87
C GLU D 40 -0.59 8.26 31.70
N LEU D 41 -1.06 9.03 32.69
CA LEU D 41 -2.26 8.65 33.42
C LEU D 41 -3.48 8.65 32.50
N GLN D 42 -3.57 9.64 31.62
CA GLN D 42 -4.68 9.67 30.66
C GLN D 42 -4.64 8.44 29.75
N VAL D 43 -3.45 8.10 29.24
CA VAL D 43 -3.33 6.95 28.36
C VAL D 43 -3.66 5.66 29.12
N LYS D 44 -3.21 5.55 30.36
CA LYS D 44 -3.50 4.38 31.18
C LYS D 44 -4.99 4.23 31.43
N GLU D 45 -5.66 5.35 31.71
CA GLU D 45 -7.10 5.30 31.92
C GLU D 45 -7.84 4.89 30.66
N LYS D 46 -7.41 5.39 29.50
CA LYS D 46 -8.02 4.96 28.25
C LYS D 46 -7.81 3.47 28.01
N LEU D 47 -6.61 2.97 28.30
CA LEU D 47 -6.35 1.54 28.17
C LEU D 47 -7.23 0.73 29.10
N GLN D 48 -7.40 1.19 30.34
CA GLN D 48 -8.25 0.47 31.29
C GLN D 48 -9.70 0.47 30.84
N GLU D 49 -10.18 1.59 30.30
CA GLU D 49 -11.55 1.64 29.80
C GLU D 49 -11.72 0.67 28.64
N GLU D 50 -10.74 0.63 27.73
CA GLU D 50 -10.84 -0.27 26.60
C GLU D 50 -10.78 -1.73 27.01
N LEU D 51 -9.99 -2.05 28.04
CA LEU D 51 -9.94 -3.42 28.55
C LEU D 51 -11.13 -3.76 29.42
N ARG D 52 -11.86 -2.75 29.91
CA ARG D 52 -13.15 -3.01 30.54
C ARG D 52 -14.21 -3.32 29.48
N TRP D 53 -14.18 -2.59 28.37
CA TRP D 53 -15.00 -2.94 27.20
C TRP D 53 -14.57 -4.26 26.59
N ARG D 54 -13.42 -4.79 27.00
CA ARG D 54 -12.92 -6.12 26.68
C ARG D 54 -13.65 -7.12 27.56
N ARG D 55 -13.00 -8.24 27.89
CA ARG D 55 -13.62 -9.56 27.92
C ARG D 55 -14.80 -9.68 28.85
N THR D 56 -15.86 -8.93 28.53
CA THR D 56 -17.23 -9.31 28.78
C THR D 56 -17.89 -9.85 27.53
N PHE D 57 -17.12 -10.04 26.45
CA PHE D 57 -17.62 -10.39 25.14
C PHE D 57 -17.39 -11.87 24.87
N LEU D 58 -18.35 -12.51 24.22
CA LEU D 58 -18.19 -13.90 23.83
C LEU D 58 -17.15 -14.00 22.72
N HIS D 59 -16.19 -14.91 22.89
CA HIS D 59 -15.04 -15.01 22.01
C HIS D 59 -15.15 -16.26 21.17
N ALA D 60 -15.28 -16.08 19.85
CA ALA D 60 -15.38 -17.20 18.92
C ALA D 60 -13.98 -17.68 18.61
N VAL D 61 -13.58 -18.79 19.23
CA VAL D 61 -12.21 -19.26 19.14
C VAL D 61 -11.98 -19.97 17.82
N ASP D 62 -10.83 -19.69 17.20
CA ASP D 62 -10.40 -20.39 15.99
C ASP D 62 -9.57 -21.59 16.43
N VAL D 63 -10.23 -22.73 16.56
CA VAL D 63 -9.63 -23.89 17.21
C VAL D 63 -8.60 -24.52 16.29
N VAL D 64 -7.39 -24.71 16.81
CA VAL D 64 -6.33 -25.47 16.15
C VAL D 64 -5.94 -26.61 17.07
N LEU D 65 -5.82 -27.80 16.52
CA LEU D 65 -5.58 -28.98 17.33
C LEU D 65 -4.08 -29.22 17.51
N ASP D 66 -3.76 -30.07 18.49
CA ASP D 66 -2.37 -30.31 18.86
C ASP D 66 -1.94 -31.69 18.40
N PRO D 67 -1.05 -31.79 17.40
CA PRO D 67 -0.61 -33.11 16.94
C PRO D 67 0.14 -33.90 18.01
N ASP D 68 0.80 -33.22 18.95
CA ASP D 68 1.58 -33.95 19.95
C ASP D 68 0.70 -34.74 20.91
N THR D 69 -0.53 -34.30 21.13
CA THR D 69 -1.47 -35.01 21.98
C THR D 69 -2.43 -35.89 21.20
N ALA D 70 -2.28 -35.98 19.88
CA ALA D 70 -3.18 -36.77 19.07
C ALA D 70 -2.86 -38.26 19.19
N HIS D 71 -3.90 -39.08 19.28
CA HIS D 71 -3.70 -40.51 19.41
C HIS D 71 -3.07 -41.07 18.14
N PRO D 72 -2.19 -42.08 18.26
CA PRO D 72 -1.57 -42.65 17.06
C PRO D 72 -2.57 -43.19 16.06
N ASP D 73 -3.72 -43.67 16.51
CA ASP D 73 -4.81 -44.06 15.61
C ASP D 73 -5.41 -42.88 14.85
N LEU D 74 -5.13 -41.65 15.29
CA LEU D 74 -5.72 -40.46 14.70
C LEU D 74 -4.73 -39.81 13.72
N PHE D 75 -5.28 -39.11 12.73
CA PHE D 75 -4.51 -38.46 11.68
C PHE D 75 -5.02 -37.04 11.50
N LEU D 76 -4.09 -36.09 11.40
CA LEU D 76 -4.39 -34.68 11.29
C LEU D 76 -4.10 -34.17 9.89
N SER D 77 -4.91 -33.24 9.42
CA SER D 77 -4.74 -32.68 8.08
C SER D 77 -3.59 -31.69 8.08
N GLU D 78 -3.37 -31.07 6.91
CA GLU D 78 -2.25 -30.13 6.77
C GLU D 78 -2.55 -28.80 7.45
N ASP D 79 -3.82 -28.41 7.54
CA ASP D 79 -4.20 -27.16 8.17
C ASP D 79 -4.48 -27.29 9.65
N ARG D 80 -4.34 -28.50 10.20
CA ARG D 80 -4.53 -28.75 11.64
C ARG D 80 -5.92 -28.35 12.11
N ARG D 81 -6.92 -28.61 11.26
CA ARG D 81 -8.32 -28.46 11.68
C ARG D 81 -9.17 -29.65 11.24
N SER D 82 -8.55 -30.77 10.91
CA SER D 82 -9.27 -31.97 10.50
C SER D 82 -8.60 -33.18 11.13
N VAL D 83 -9.39 -34.05 11.75
CA VAL D 83 -8.89 -35.25 12.40
C VAL D 83 -9.73 -36.44 11.98
N ARG D 84 -9.07 -37.51 11.56
CA ARG D 84 -9.75 -38.76 11.24
C ARG D 84 -9.05 -39.93 11.93
N ARG D 85 -9.53 -41.15 11.71
CA ARG D 85 -8.93 -42.34 12.28
C ARG D 85 -8.44 -43.26 11.17
N CYS D 86 -7.38 -44.02 11.45
CA CYS D 86 -6.91 -45.05 10.54
C CYS D 86 -6.21 -46.12 11.35
N PRO D 87 -6.83 -47.28 11.53
CA PRO D 87 -6.24 -48.34 12.38
C PRO D 87 -4.90 -48.80 11.83
N PHE D 88 -3.97 -49.09 12.75
CA PHE D 88 -2.65 -49.62 12.42
C PHE D 88 -1.90 -48.69 11.46
N ARG D 89 -1.86 -47.41 11.84
CA ARG D 89 -1.13 -46.41 11.07
C ARG D 89 0.15 -45.95 11.73
N HIS D 90 0.32 -46.18 13.03
CA HIS D 90 1.52 -45.81 13.76
C HIS D 90 1.96 -46.94 14.67
N LEU D 91 1.92 -48.16 14.16
CA LEU D 91 2.31 -49.34 14.91
C LEU D 91 3.81 -49.55 14.71
N GLY D 92 4.59 -49.21 15.74
CA GLY D 92 6.03 -49.36 15.66
C GLY D 92 6.74 -48.24 14.90
N GLU D 93 6.02 -47.21 14.50
CA GLU D 93 6.60 -46.10 13.77
C GLU D 93 7.31 -45.15 14.74
N SER D 94 8.10 -44.22 14.18
CA SER D 94 8.87 -43.30 14.99
C SER D 94 7.96 -42.24 15.62
N VAL D 95 7.52 -42.49 16.85
CA VAL D 95 6.70 -41.54 17.61
C VAL D 95 7.34 -41.35 18.97
N PRO D 96 7.62 -40.13 19.39
CA PRO D 96 8.23 -39.92 20.72
C PRO D 96 7.25 -40.27 21.83
N ASP D 97 7.83 -40.64 22.97
CA ASP D 97 7.04 -40.98 24.17
C ASP D 97 6.74 -39.70 24.93
N ASN D 98 5.94 -38.85 24.31
CA ASN D 98 5.55 -37.58 24.92
C ASN D 98 4.61 -37.83 26.09
N PRO D 99 4.89 -37.30 27.28
CA PRO D 99 3.96 -37.51 28.41
C PRO D 99 2.59 -36.88 28.20
N GLU D 100 2.43 -35.94 27.27
CA GLU D 100 1.14 -35.32 27.00
C GLU D 100 0.38 -36.03 25.89
N ARG D 101 0.56 -37.34 25.73
CA ARG D 101 -0.03 -38.05 24.59
C ARG D 101 -1.25 -38.85 25.02
N PHE D 102 -2.31 -38.76 24.23
CA PHE D 102 -3.48 -39.63 24.40
C PHE D 102 -3.15 -40.96 23.75
N ASP D 103 -2.95 -42.00 24.57
CA ASP D 103 -2.58 -43.32 24.06
C ASP D 103 -3.50 -44.41 24.58
N SER D 104 -4.68 -44.04 25.08
CA SER D 104 -5.67 -45.01 25.54
C SER D 104 -6.95 -44.95 24.74
N GLN D 105 -7.54 -43.77 24.59
CA GLN D 105 -8.75 -43.57 23.80
C GLN D 105 -8.44 -42.75 22.56
N PRO D 106 -9.21 -42.90 21.50
CA PRO D 106 -8.97 -42.11 20.28
C PRO D 106 -9.43 -40.66 20.43
N CYS D 107 -8.57 -39.82 21.01
CA CYS D 107 -8.92 -38.43 21.26
C CYS D 107 -7.74 -37.52 20.94
N VAL D 108 -8.03 -36.22 20.94
CA VAL D 108 -7.07 -35.17 20.64
C VAL D 108 -7.54 -33.87 21.30
N LEU D 109 -6.58 -33.06 21.71
CA LEU D 109 -6.86 -31.86 22.48
C LEU D 109 -6.61 -30.61 21.65
N GLY D 110 -7.45 -29.60 21.86
CA GLY D 110 -7.23 -28.31 21.24
C GLY D 110 -5.99 -27.62 21.80
N ARG D 111 -5.34 -26.83 20.96
CA ARG D 111 -4.13 -26.12 21.38
C ARG D 111 -4.43 -24.97 22.33
N GLU D 112 -5.64 -24.43 22.30
CA GLU D 112 -5.97 -23.27 23.11
C GLU D 112 -6.24 -23.66 24.55
N SER D 113 -5.79 -22.80 25.47
CA SER D 113 -6.08 -22.94 26.89
C SER D 113 -6.92 -21.74 27.33
N PHE D 114 -7.99 -22.01 28.06
CA PHE D 114 -8.91 -20.99 28.52
C PHE D 114 -8.84 -20.87 30.03
N ALA D 115 -8.74 -19.64 30.54
CA ALA D 115 -8.68 -19.40 31.97
C ALA D 115 -9.78 -18.50 32.50
N SER D 116 -10.46 -17.74 31.64
CA SER D 116 -11.55 -16.88 32.08
C SER D 116 -12.36 -16.45 30.87
N GLY D 117 -13.57 -15.95 31.14
CA GLY D 117 -14.43 -15.42 30.10
C GLY D 117 -15.26 -16.47 29.40
N LYS D 118 -16.12 -15.99 28.49
CA LYS D 118 -17.00 -16.83 27.71
C LYS D 118 -16.38 -17.09 26.34
N HIS D 119 -16.38 -18.36 25.92
CA HIS D 119 -15.75 -18.75 24.67
C HIS D 119 -16.47 -19.96 24.09
N TYR D 120 -16.64 -19.98 22.77
CA TYR D 120 -17.40 -21.06 22.15
C TYR D 120 -16.79 -21.42 20.80
N TRP D 121 -17.09 -22.63 20.35
CA TRP D 121 -16.59 -23.12 19.07
C TRP D 121 -17.60 -24.10 18.47
N GLU D 122 -17.39 -24.41 17.19
CA GLU D 122 -18.33 -25.23 16.43
C GLU D 122 -17.60 -26.38 15.75
N VAL D 123 -18.26 -27.54 15.68
CA VAL D 123 -17.67 -28.75 15.16
C VAL D 123 -18.61 -29.38 14.14
N GLU D 124 -18.04 -29.86 13.03
CA GLU D 124 -18.78 -30.57 11.99
C GLU D 124 -18.61 -32.07 12.22
N VAL D 125 -19.70 -32.74 12.61
CA VAL D 125 -19.65 -34.17 12.89
C VAL D 125 -20.77 -34.90 12.17
N GLU D 126 -21.24 -34.34 11.06
CA GLU D 126 -22.35 -34.96 10.33
C GLU D 126 -21.93 -36.29 9.71
N ASN D 127 -20.66 -36.43 9.36
CA ASN D 127 -20.18 -37.59 8.62
C ASN D 127 -19.81 -38.77 9.50
N VAL D 128 -19.84 -38.62 10.82
CA VAL D 128 -19.40 -39.67 11.73
C VAL D 128 -20.61 -40.23 12.48
N ILE D 129 -20.37 -41.29 13.25
CA ILE D 129 -21.44 -42.01 13.94
C ILE D 129 -21.13 -42.10 15.43
N GLU D 130 -19.88 -41.89 15.81
CA GLU D 130 -19.43 -42.02 17.19
C GLU D 130 -18.47 -40.87 17.49
N TRP D 131 -18.99 -39.74 17.97
CA TRP D 131 -18.17 -38.58 18.28
C TRP D 131 -18.39 -38.15 19.72
N THR D 132 -17.31 -37.69 20.37
CA THR D 132 -17.37 -37.12 21.71
C THR D 132 -16.72 -35.75 21.64
N VAL D 133 -17.43 -34.73 22.13
CA VAL D 133 -16.91 -33.37 22.08
C VAL D 133 -17.19 -32.68 23.41
N GLY D 134 -16.22 -31.89 23.89
CA GLY D 134 -16.49 -31.10 25.06
C GLY D 134 -15.25 -30.42 25.59
N VAL D 135 -15.25 -30.24 26.92
CA VAL D 135 -14.22 -29.50 27.64
C VAL D 135 -13.53 -30.45 28.61
N CYS D 136 -12.24 -30.22 28.85
CA CYS D 136 -11.48 -31.04 29.78
C CYS D 136 -10.54 -30.17 30.59
N ARG D 137 -10.24 -30.64 31.80
CA ARG D 137 -9.22 -29.99 32.61
C ARG D 137 -7.84 -30.32 32.07
N ASP D 138 -6.90 -29.39 32.24
CA ASP D 138 -5.56 -29.57 31.70
C ASP D 138 -4.81 -30.71 32.38
N SER D 139 -5.30 -31.20 33.52
CA SER D 139 -4.61 -32.22 34.30
C SER D 139 -5.30 -33.58 34.22
N VAL D 140 -5.93 -33.89 33.09
CA VAL D 140 -6.54 -35.20 32.94
C VAL D 140 -5.46 -36.25 32.69
N GLU D 141 -5.67 -37.44 33.25
CA GLU D 141 -4.73 -38.54 33.03
C GLU D 141 -4.71 -38.92 31.56
N ARG D 142 -3.53 -39.29 31.09
CA ARG D 142 -3.30 -39.51 29.67
C ARG D 142 -2.83 -40.93 29.36
N LYS D 143 -1.99 -41.52 30.22
CA LYS D 143 -1.42 -42.83 29.94
C LYS D 143 -2.50 -43.90 29.89
N GLY D 144 -3.34 -43.99 30.93
CA GLY D 144 -4.30 -45.06 31.06
C GLY D 144 -5.71 -44.62 30.70
N GLU D 145 -6.56 -45.61 30.43
CA GLU D 145 -7.96 -45.33 30.12
C GLU D 145 -8.63 -44.68 31.31
N VAL D 146 -9.39 -43.61 31.05
CA VAL D 146 -10.08 -42.87 32.10
C VAL D 146 -11.56 -42.86 31.82
N LEU D 147 -12.33 -42.22 32.69
CA LEU D 147 -13.77 -42.12 32.55
C LEU D 147 -14.13 -40.68 32.19
N LEU D 148 -14.79 -40.49 31.04
CA LEU D 148 -15.12 -39.16 30.53
C LEU D 148 -16.32 -38.63 31.30
N ILE D 149 -16.07 -38.22 32.54
CA ILE D 149 -17.11 -37.71 33.42
C ILE D 149 -16.60 -36.44 34.09
N PRO D 150 -17.51 -35.59 34.58
CA PRO D 150 -17.07 -34.42 35.36
C PRO D 150 -16.27 -34.80 36.58
N GLN D 151 -16.47 -36.00 37.12
CA GLN D 151 -15.68 -36.46 38.26
C GLN D 151 -14.20 -36.49 37.90
N ASN D 152 -13.87 -36.90 36.68
CA ASN D 152 -12.49 -36.95 36.23
C ASN D 152 -12.05 -35.68 35.51
N GLY D 153 -12.95 -34.71 35.33
CA GLY D 153 -12.58 -33.48 34.66
C GLY D 153 -12.94 -33.47 33.19
N PHE D 154 -14.13 -33.99 32.85
CA PHE D 154 -14.60 -34.04 31.47
C PHE D 154 -16.05 -33.56 31.43
N TRP D 155 -16.36 -32.69 30.48
CA TRP D 155 -17.74 -32.27 30.23
C TRP D 155 -17.99 -32.48 28.74
N THR D 156 -18.67 -33.58 28.39
CA THR D 156 -18.72 -34.03 27.01
C THR D 156 -20.12 -34.42 26.59
N LEU D 157 -20.38 -34.30 25.29
CA LEU D 157 -21.56 -34.84 24.62
C LEU D 157 -21.10 -35.94 23.69
N GLU D 158 -21.88 -37.02 23.63
CA GLU D 158 -21.44 -38.26 23.03
C GLU D 158 -22.46 -38.80 22.02
N MET D 159 -21.96 -39.52 21.03
CA MET D 159 -22.77 -40.36 20.15
C MET D 159 -22.35 -41.81 20.35
N HIS D 160 -23.31 -42.67 20.69
CA HIS D 160 -23.05 -44.07 20.96
C HIS D 160 -24.18 -44.91 20.38
N LYS D 161 -23.84 -45.82 19.47
CA LYS D 161 -24.80 -46.75 18.86
C LYS D 161 -25.98 -46.00 18.26
N GLY D 162 -25.70 -44.89 17.58
CA GLY D 162 -26.76 -44.11 16.97
C GLY D 162 -27.65 -43.39 17.95
N GLN D 163 -27.17 -43.12 19.16
CA GLN D 163 -27.95 -42.44 20.18
C GLN D 163 -27.12 -41.34 20.82
N TYR D 164 -27.73 -40.17 20.99
CA TYR D 164 -27.08 -39.07 21.69
C TYR D 164 -27.00 -39.38 23.17
N ARG D 165 -25.97 -38.86 23.82
CA ARG D 165 -25.73 -39.15 25.22
C ARG D 165 -25.04 -37.98 25.92
N ALA D 166 -25.28 -37.92 27.22
CA ALA D 166 -24.76 -36.94 28.15
C ALA D 166 -23.31 -37.25 28.52
N VAL D 167 -22.90 -36.78 29.69
CA VAL D 167 -21.55 -36.92 30.22
C VAL D 167 -21.16 -38.40 30.35
N SER D 168 -21.99 -39.29 29.81
CA SER D 168 -21.88 -40.74 29.81
C SER D 168 -22.47 -41.34 31.07
N SER D 169 -23.19 -40.52 31.83
CA SER D 169 -24.16 -41.05 32.77
C SER D 169 -25.33 -41.59 31.96
N PRO D 170 -25.52 -42.90 31.87
CA PRO D 170 -26.53 -43.45 30.95
C PRO D 170 -27.98 -43.19 31.36
N ASP D 171 -28.21 -42.44 32.44
CA ASP D 171 -29.55 -42.08 32.88
C ASP D 171 -30.04 -40.79 32.25
N ARG D 172 -29.29 -40.23 31.30
CA ARG D 172 -29.61 -38.92 30.75
C ARG D 172 -29.78 -38.99 29.23
N ILE D 173 -30.60 -39.94 28.78
CA ILE D 173 -30.97 -40.05 27.37
C ILE D 173 -31.36 -38.69 26.81
N LEU D 174 -30.81 -38.35 25.65
CA LEU D 174 -31.12 -37.08 25.01
C LEU D 174 -32.18 -37.28 23.95
N PRO D 175 -33.39 -36.78 24.13
CA PRO D 175 -34.46 -36.99 23.14
C PRO D 175 -34.40 -35.98 21.99
N LEU D 176 -33.30 -36.00 21.25
CA LEU D 176 -33.15 -35.11 20.11
C LEU D 176 -33.87 -35.71 18.91
N LYS D 177 -34.86 -34.98 18.40
CA LYS D 177 -35.74 -35.48 17.35
C LYS D 177 -35.11 -35.45 15.96
N GLU D 178 -34.00 -34.74 15.79
CA GLU D 178 -33.35 -34.65 14.50
C GLU D 178 -31.87 -34.95 14.65
N SER D 179 -31.28 -35.50 13.59
CA SER D 179 -29.87 -35.88 13.60
C SER D 179 -29.00 -34.64 13.48
N LEU D 180 -27.91 -34.62 14.23
CA LEU D 180 -27.07 -33.43 14.30
C LEU D 180 -26.04 -33.43 13.18
N CYS D 181 -25.69 -32.23 12.71
CA CYS D 181 -24.60 -32.03 11.77
C CYS D 181 -23.51 -31.12 12.32
N ARG D 182 -23.88 -29.98 12.87
CA ARG D 182 -22.95 -29.04 13.48
C ARG D 182 -23.32 -28.86 14.95
N VAL D 183 -22.32 -28.97 15.82
CA VAL D 183 -22.54 -28.89 17.26
C VAL D 183 -21.69 -27.77 17.83
N GLY D 184 -22.27 -26.96 18.70
CA GLY D 184 -21.59 -25.82 19.30
C GLY D 184 -21.32 -26.08 20.78
N VAL D 185 -20.08 -25.85 21.18
CA VAL D 185 -19.64 -26.00 22.56
C VAL D 185 -19.42 -24.60 23.12
N PHE D 186 -20.01 -24.33 24.29
CA PHE D 186 -20.00 -23.02 24.92
C PHE D 186 -19.44 -23.15 26.34
N LEU D 187 -18.56 -22.23 26.71
CA LEU D 187 -17.85 -22.29 27.98
C LEU D 187 -17.90 -20.93 28.66
N ASP D 188 -18.16 -20.97 29.96
CA ASP D 188 -18.23 -19.74 30.78
C ASP D 188 -17.52 -20.06 32.08
N TYR D 189 -16.33 -19.46 32.27
CA TYR D 189 -15.48 -19.83 33.40
C TYR D 189 -16.01 -19.27 34.71
N GLU D 190 -16.53 -18.03 34.70
CA GLU D 190 -16.95 -17.41 35.95
C GLU D 190 -18.13 -18.16 36.57
N ALA D 191 -19.09 -18.57 35.76
CA ALA D 191 -20.29 -19.23 36.26
C ALA D 191 -20.25 -20.75 36.12
N GLY D 192 -19.11 -21.30 35.70
CA GLY D 192 -18.98 -22.75 35.59
C GLY D 192 -19.96 -23.38 34.63
N ASP D 193 -20.09 -22.80 33.45
CA ASP D 193 -21.12 -23.17 32.49
C ASP D 193 -20.49 -23.91 31.32
N VAL D 194 -20.94 -25.13 31.05
CA VAL D 194 -20.53 -25.90 29.88
C VAL D 194 -21.79 -26.30 29.14
N SER D 195 -22.10 -25.60 28.05
CA SER D 195 -23.34 -25.77 27.32
C SER D 195 -23.07 -26.37 25.95
N PHE D 196 -24.05 -27.12 25.45
CA PHE D 196 -24.03 -27.67 24.10
C PHE D 196 -25.24 -27.15 23.33
N TYR D 197 -25.02 -26.80 22.06
CA TYR D 197 -26.03 -26.22 21.21
C TYR D 197 -26.08 -26.93 19.87
N ASN D 198 -27.26 -26.95 19.27
CA ASN D 198 -27.47 -27.44 17.91
C ASN D 198 -27.29 -26.26 16.96
N MET D 199 -26.18 -26.24 16.23
CA MET D 199 -25.78 -25.05 15.48
C MET D 199 -26.60 -24.80 14.22
N ARG D 200 -27.43 -25.75 13.80
CA ARG D 200 -28.35 -25.47 12.70
C ARG D 200 -29.34 -24.37 13.09
N ASP D 201 -29.90 -24.45 14.30
CA ASP D 201 -30.86 -23.46 14.77
C ASP D 201 -30.40 -22.74 16.03
N ARG D 202 -29.25 -23.11 16.60
CA ARG D 202 -28.71 -22.48 17.79
C ARG D 202 -29.72 -22.56 18.94
N SER D 203 -30.01 -23.80 19.34
CA SER D 203 -30.94 -24.09 20.43
C SER D 203 -30.25 -24.98 21.45
N HIS D 204 -30.73 -24.91 22.69
CA HIS D 204 -30.08 -25.61 23.79
C HIS D 204 -30.19 -27.11 23.65
N ILE D 205 -29.15 -27.81 24.11
CA ILE D 205 -29.13 -29.27 24.09
C ILE D 205 -28.93 -29.79 25.51
N TYR D 206 -27.82 -29.40 26.16
CA TYR D 206 -27.52 -29.86 27.50
C TYR D 206 -26.50 -28.92 28.11
N THR D 207 -26.75 -28.50 29.35
CA THR D 207 -25.75 -27.81 30.17
C THR D 207 -25.28 -28.76 31.26
N CYS D 208 -23.98 -29.01 31.31
CA CYS D 208 -23.44 -29.81 32.40
C CYS D 208 -23.63 -29.06 33.72
N PRO D 209 -23.86 -29.78 34.82
CA PRO D 209 -24.05 -29.11 36.10
C PRO D 209 -22.83 -28.30 36.48
N ARG D 210 -23.06 -27.15 37.09
CA ARG D 210 -21.97 -26.22 37.38
C ARG D 210 -20.96 -26.86 38.33
N SER D 211 -19.68 -26.75 37.95
CA SER D 211 -18.59 -27.24 38.77
C SER D 211 -17.39 -26.34 38.54
N ALA D 212 -16.93 -25.67 39.60
CA ALA D 212 -15.84 -24.72 39.47
C ALA D 212 -14.61 -25.41 38.88
N PHE D 213 -14.00 -24.76 37.89
CA PHE D 213 -12.86 -25.37 37.21
C PHE D 213 -11.58 -25.17 38.00
N SER D 214 -11.17 -23.92 38.21
CA SER D 214 -9.95 -23.56 38.93
C SER D 214 -8.71 -24.12 38.25
N VAL D 215 -8.89 -24.69 37.06
CA VAL D 215 -7.77 -25.20 36.25
C VAL D 215 -7.98 -24.77 34.82
N PRO D 216 -6.90 -24.35 34.15
CA PRO D 216 -7.01 -23.95 32.74
C PRO D 216 -7.65 -25.05 31.90
N VAL D 217 -8.83 -24.76 31.38
CA VAL D 217 -9.61 -25.75 30.64
C VAL D 217 -9.23 -25.72 29.18
N ARG D 218 -9.55 -26.80 28.47
CA ARG D 218 -9.12 -26.96 27.11
C ARG D 218 -10.10 -27.81 26.33
N PRO D 219 -10.42 -27.44 25.09
CA PRO D 219 -11.33 -28.27 24.28
C PRO D 219 -10.77 -29.67 24.06
N PHE D 220 -11.66 -30.65 24.03
CA PHE D 220 -11.30 -32.06 23.97
C PHE D 220 -12.22 -32.74 22.96
N PHE D 221 -11.63 -33.49 22.02
CA PHE D 221 -12.37 -34.14 20.95
C PHE D 221 -11.99 -35.60 20.92
N ARG D 222 -12.93 -36.46 20.53
CA ARG D 222 -12.72 -37.89 20.53
C ARG D 222 -13.50 -38.50 19.38
N LEU D 223 -12.79 -39.23 18.51
CA LEU D 223 -13.38 -39.80 17.31
C LEU D 223 -13.42 -41.30 17.41
N GLY D 224 -14.61 -41.86 17.27
CA GLY D 224 -14.83 -43.29 17.36
C GLY D 224 -14.31 -44.04 16.15
N CYS D 225 -14.79 -45.27 16.00
CA CYS D 225 -14.38 -46.14 14.90
C CYS D 225 -15.11 -45.75 13.61
N GLU D 226 -14.87 -44.51 13.19
CA GLU D 226 -15.43 -43.99 11.95
C GLU D 226 -14.35 -43.20 11.23
N ASP D 227 -13.97 -43.67 10.03
CA ASP D 227 -12.88 -43.05 9.28
C ASP D 227 -13.22 -41.67 8.76
N SER D 228 -14.48 -41.27 8.82
CA SER D 228 -14.84 -39.92 8.39
C SER D 228 -14.18 -38.89 9.30
N PRO D 229 -13.57 -37.85 8.76
CA PRO D 229 -12.88 -36.87 9.60
C PRO D 229 -13.85 -35.89 10.25
N ILE D 230 -13.39 -35.28 11.33
CA ILE D 230 -14.14 -34.23 12.02
C ILE D 230 -13.54 -32.89 11.65
N PHE D 231 -14.38 -31.96 11.22
CA PHE D 231 -13.97 -30.61 10.87
C PHE D 231 -14.40 -29.64 11.95
N ILE D 232 -13.47 -28.84 12.42
CA ILE D 232 -13.78 -27.71 13.30
C ILE D 232 -13.87 -26.47 12.44
N CYS D 233 -15.02 -25.83 12.46
CA CYS D 233 -15.27 -24.70 11.55
C CYS D 233 -14.31 -23.55 11.87
N PRO D 234 -13.52 -23.08 10.92
CA PRO D 234 -12.65 -21.94 11.18
C PRO D 234 -13.47 -20.68 11.41
N ALA D 235 -12.91 -19.77 12.20
CA ALA D 235 -13.60 -18.52 12.48
C ALA D 235 -13.73 -17.69 11.21
N LEU D 236 -14.60 -16.69 11.27
CA LEU D 236 -14.82 -15.81 10.12
C LEU D 236 -13.59 -14.95 9.93
N THR D 237 -12.72 -15.36 9.00
CA THR D 237 -11.49 -14.62 8.74
C THR D 237 -11.76 -13.35 7.94
N GLY D 238 -12.77 -13.36 7.09
CA GLY D 238 -13.07 -12.21 6.25
C GLY D 238 -12.28 -12.22 4.96
N ALA D 239 -11.85 -11.05 4.50
CA ALA D 239 -11.00 -10.93 3.33
C ALA D 239 -9.53 -10.77 3.71
N ASN D 240 -9.12 -11.37 4.82
CA ASN D 240 -7.76 -11.20 5.31
C ASN D 240 -6.77 -11.97 4.44
N GLY D 241 -5.65 -11.31 4.12
CA GLY D 241 -4.59 -11.94 3.36
C GLY D 241 -4.89 -12.10 1.88
N VAL D 242 -5.81 -11.30 1.34
CA VAL D 242 -6.18 -11.37 -0.07
C VAL D 242 -6.24 -9.96 -0.64
N THR D 243 -6.07 -9.87 -1.96
CA THR D 243 -6.15 -8.60 -2.66
C THR D 243 -7.59 -8.30 -3.01
N VAL D 244 -8.10 -7.19 -2.51
CA VAL D 244 -9.48 -6.78 -2.73
C VAL D 244 -9.53 -5.89 -3.97
N PRO D 245 -10.29 -6.25 -5.00
CA PRO D 245 -10.47 -5.34 -6.15
C PRO D 245 -11.30 -4.11 -5.81
N GLU D 246 -11.56 -3.27 -6.81
CA GLU D 246 -12.37 -2.08 -6.61
C GLU D 246 -13.85 -2.33 -6.80
N GLU D 247 -14.23 -3.37 -7.53
CA GLU D 247 -15.62 -3.77 -7.69
C GLU D 247 -16.06 -4.76 -6.62
N GLY D 248 -15.33 -4.86 -5.52
CA GLY D 248 -15.62 -5.82 -4.48
C GLY D 248 -15.05 -7.18 -4.79
N LEU D 249 -15.13 -8.06 -3.79
CA LEU D 249 -14.68 -9.44 -3.91
C LEU D 249 -15.89 -10.35 -3.73
N THR D 250 -16.15 -11.19 -4.71
CA THR D 250 -17.34 -12.02 -4.73
C THR D 250 -16.96 -13.49 -4.67
N LEU D 251 -17.58 -14.22 -3.75
CA LEU D 251 -17.50 -15.67 -3.66
C LEU D 251 -16.06 -16.15 -3.55
N HIS D 252 -15.40 -15.72 -2.48
CA HIS D 252 -14.06 -16.21 -2.19
C HIS D 252 -14.11 -17.67 -1.78
N ARG D 253 -13.15 -18.45 -2.28
CA ARG D 253 -13.02 -19.85 -1.91
C ARG D 253 -11.55 -20.21 -1.82
N VAL D 254 -11.20 -20.98 -0.79
CA VAL D 254 -9.82 -21.42 -0.61
C VAL D 254 -9.81 -22.92 -0.29
#